data_4OBB
#
_entry.id   4OBB
#
_cell.length_a   98.736
_cell.length_b   100.814
_cell.length_c   150.638
_cell.angle_alpha   90.00
_cell.angle_beta   90.00
_cell.angle_gamma   90.00
#
_symmetry.space_group_name_H-M   'C 2 2 21'
#
loop_
_entity.id
_entity.type
_entity.pdbx_description
1 polymer 'Amino acid/amide ABC transporter substrate-binding protein, HAAT family'
2 non-polymer '(3S)-3-methyl-2-oxopentanoic acid'
3 non-polymer 'MAGNESIUM ION'
4 water water
#
_entity_poly.entity_id   1
_entity_poly.type   'polypeptide(L)'
_entity_poly.pdbx_seq_one_letter_code
;SNATNTDTNSTNNSPNNTTNTTTNVTTTSDKNTIPIGIALAQTSNVALLGQEQVAGAKIAEKYFNDKGGVNGTPIKLIFQ
DTAGDEAGTINAFQTLINKDKVVGIVGPTLSQQAFSANPIAERAKVPVVGPSNTAKGIPEIGDYVARVSAPVSVVAPNSV
KAALKQNPNIKKVAVFFAQNDAFSKSETEIFQQTVKDQGLELVTVQKFQTTDTDFQSQATNAINLKPDLVIISGLAADGG
NLVRQLRELGYQGAIIGGNGLNTSNVFAVCKALCDGVLIAQAYSPEYTGEINKAFRQAYVDQYKKEPPQFSAQAFAAVQV
YVESLKALDTKNKVSKIQLPELRTELNKQLLTGKYNTPLGEISFTPIGEVVQKDFYVAQIK(MSE)EKDGSQGKFTFLK
;
_entity_poly.pdbx_strand_id   A,B
#
# COMPACT_ATOMS: atom_id res chain seq x y z
N ASN A 32 33.35 19.67 4.99
CA ASN A 32 32.18 19.10 5.65
C ASN A 32 30.87 19.58 5.01
N THR A 33 29.99 18.63 4.72
CA THR A 33 28.73 18.92 4.05
C THR A 33 27.59 18.15 4.70
N ILE A 34 26.35 18.51 4.36
CA ILE A 34 25.18 17.81 4.88
C ILE A 34 24.57 16.95 3.76
N PRO A 35 24.54 15.63 3.95
CA PRO A 35 24.11 14.72 2.88
C PRO A 35 22.59 14.56 2.79
N ILE A 36 22.05 14.80 1.61
CA ILE A 36 20.62 14.62 1.36
C ILE A 36 20.51 13.58 0.25
N GLY A 37 19.70 12.56 0.49
CA GLY A 37 19.57 11.48 -0.47
C GLY A 37 18.58 11.79 -1.56
N ILE A 38 18.93 11.44 -2.78
CA ILE A 38 18.02 11.58 -3.91
C ILE A 38 17.84 10.20 -4.49
N ALA A 39 16.64 9.67 -4.36
CA ALA A 39 16.31 8.32 -4.81
C ALA A 39 15.29 8.38 -5.93
N LEU A 40 15.77 8.40 -7.17
CA LEU A 40 14.91 8.59 -8.34
C LEU A 40 15.22 7.54 -9.39
N ALA A 41 14.32 7.36 -10.33
CA ALA A 41 14.54 6.43 -11.42
C ALA A 41 15.48 7.06 -12.43
N GLN A 42 16.74 6.65 -12.38
CA GLN A 42 17.75 7.16 -13.31
C GLN A 42 17.98 6.17 -14.44
N THR A 43 17.48 4.96 -14.24
CA THR A 43 17.48 3.92 -15.26
C THR A 43 16.08 3.31 -15.34
N SER A 44 15.86 2.49 -16.36
CA SER A 44 14.56 1.89 -16.73
C SER A 44 13.71 2.89 -17.48
N ASN A 45 12.59 2.43 -18.02
CA ASN A 45 11.65 3.35 -18.68
C ASN A 45 11.05 4.37 -17.74
N VAL A 46 11.15 4.13 -16.43
CA VAL A 46 10.65 5.10 -15.48
C VAL A 46 11.56 6.35 -15.49
N ALA A 47 12.79 6.18 -16.00
CA ALA A 47 13.71 7.32 -16.12
C ALA A 47 13.25 8.35 -17.15
N LEU A 48 12.27 7.99 -17.96
CA LEU A 48 11.66 8.96 -18.87
C LEU A 48 11.03 10.09 -18.06
N LEU A 49 10.63 9.79 -16.84
CA LEU A 49 10.11 10.79 -15.91
C LEU A 49 11.23 11.22 -14.95
N GLY A 50 12.03 10.27 -14.50
CA GLY A 50 13.09 10.59 -13.54
C GLY A 50 14.15 11.55 -14.03
N GLN A 51 14.44 11.53 -15.33
CA GLN A 51 15.48 12.38 -15.92
C GLN A 51 15.25 13.87 -15.62
N GLU A 52 13.99 14.29 -15.74
CA GLU A 52 13.61 15.67 -15.45
C GLU A 52 13.80 16.02 -13.98
N GLN A 53 13.63 15.03 -13.12
CA GLN A 53 13.73 15.25 -11.68
C GLN A 53 15.17 15.41 -11.28
N VAL A 54 16.04 14.60 -11.87
CA VAL A 54 17.48 14.73 -11.63
C VAL A 54 17.92 16.13 -12.03
N ALA A 55 17.44 16.61 -13.17
CA ALA A 55 17.79 17.94 -13.66
C ALA A 55 17.38 19.01 -12.66
N GLY A 56 16.17 18.90 -12.14
CA GLY A 56 15.66 19.87 -11.19
C GLY A 56 16.44 19.83 -9.87
N ALA A 57 16.76 18.63 -9.42
CA ALA A 57 17.54 18.50 -8.18
C ALA A 57 18.93 19.12 -8.30
N LYS A 58 19.60 18.91 -9.44
CA LYS A 58 20.93 19.49 -9.64
C LYS A 58 20.87 21.01 -9.69
N ILE A 59 19.84 21.55 -10.31
CA ILE A 59 19.66 23.01 -10.32
C ILE A 59 19.48 23.54 -8.90
N ALA A 60 18.70 22.83 -8.09
CA ALA A 60 18.50 23.22 -6.70
C ALA A 60 19.82 23.17 -5.92
N GLU A 61 20.62 22.12 -6.15
CA GLU A 61 21.88 21.99 -5.43
C GLU A 61 22.77 23.21 -5.65
N LYS A 62 22.91 23.62 -6.91
CA LYS A 62 23.72 24.79 -7.21
C LYS A 62 23.10 26.07 -6.66
N TYR A 63 21.79 26.23 -6.86
CA TYR A 63 21.10 27.42 -6.38
C TYR A 63 21.30 27.61 -4.87
N PHE A 64 21.08 26.54 -4.11
CA PHE A 64 21.16 26.66 -2.66
C PHE A 64 22.59 26.71 -2.12
N ASN A 65 23.51 25.96 -2.73
CA ASN A 65 24.91 26.05 -2.31
C ASN A 65 25.52 27.41 -2.65
N ASP A 66 25.09 28.02 -3.76
CA ASP A 66 25.58 29.35 -4.11
C ASP A 66 25.12 30.42 -3.12
N LYS A 67 24.04 30.11 -2.39
CA LYS A 67 23.56 30.98 -1.33
C LYS A 67 24.10 30.59 0.05
N GLY A 68 25.08 29.68 0.06
CA GLY A 68 25.74 29.31 1.29
C GLY A 68 25.24 28.03 1.94
N GLY A 69 24.41 27.27 1.22
CA GLY A 69 23.93 26.00 1.75
C GLY A 69 23.09 26.20 3.01
N VAL A 70 23.46 25.49 4.06
CA VAL A 70 22.77 25.59 5.34
C VAL A 70 23.61 26.42 6.30
N ASN A 71 23.35 27.72 6.33
CA ASN A 71 24.09 28.64 7.19
C ASN A 71 25.60 28.54 7.01
N GLY A 72 26.03 28.39 5.76
CA GLY A 72 27.44 28.32 5.44
C GLY A 72 27.94 26.92 5.13
N THR A 73 27.23 25.90 5.61
CA THR A 73 27.59 24.50 5.35
C THR A 73 26.92 24.01 4.07
N PRO A 74 27.71 23.62 3.05
CA PRO A 74 27.07 23.18 1.81
C PRO A 74 26.27 21.90 1.99
N ILE A 75 25.22 21.73 1.19
CA ILE A 75 24.59 20.42 1.10
C ILE A 75 25.33 19.58 0.07
N LYS A 76 25.16 18.27 0.16
CA LYS A 76 25.67 17.38 -0.86
C LYS A 76 24.54 16.42 -1.21
N LEU A 77 24.07 16.49 -2.46
CA LEU A 77 23.09 15.52 -2.92
C LEU A 77 23.78 14.20 -3.25
N ILE A 78 23.27 13.14 -2.65
CA ILE A 78 23.78 11.80 -2.92
C ILE A 78 22.73 11.02 -3.69
N PHE A 79 23.04 10.70 -4.95
CA PHE A 79 22.09 10.04 -5.83
C PHE A 79 22.24 8.53 -5.75
N GLN A 80 21.13 7.84 -5.49
CA GLN A 80 21.08 6.38 -5.61
C GLN A 80 19.90 6.02 -6.50
N ASP A 81 20.22 5.47 -7.66
CA ASP A 81 19.22 5.06 -8.65
C ASP A 81 18.31 3.98 -8.07
N THR A 82 17.00 4.15 -8.24
CA THR A 82 16.02 3.15 -7.79
C THR A 82 15.69 2.13 -8.86
N ALA A 83 16.07 2.42 -10.10
CA ALA A 83 15.56 1.70 -11.25
C ALA A 83 14.03 1.77 -11.27
N GLY A 84 13.38 0.79 -11.88
CA GLY A 84 11.97 0.91 -12.19
C GLY A 84 11.01 0.14 -11.32
N ASP A 85 11.52 -0.58 -10.32
CA ASP A 85 10.66 -1.43 -9.50
C ASP A 85 10.75 -1.17 -8.00
N GLU A 86 10.05 -1.98 -7.23
CA GLU A 86 10.00 -1.80 -5.78
C GLU A 86 11.30 -2.23 -5.13
N ALA A 87 11.83 -3.38 -5.53
CA ALA A 87 13.06 -3.89 -4.92
C ALA A 87 14.21 -2.91 -5.07
N GLY A 88 14.30 -2.26 -6.24
CA GLY A 88 15.35 -1.31 -6.50
C GLY A 88 15.21 -0.07 -5.63
N THR A 89 13.97 0.32 -5.38
CA THR A 89 13.71 1.47 -4.52
C THR A 89 14.05 1.16 -3.06
N ILE A 90 13.68 -0.04 -2.62
CA ILE A 90 14.03 -0.47 -1.27
C ILE A 90 15.55 -0.50 -1.11
N ASN A 91 16.25 -1.04 -2.10
CA ASN A 91 17.71 -1.06 -2.02
C ASN A 91 18.31 0.34 -1.99
N ALA A 92 17.79 1.24 -2.82
CA ALA A 92 18.27 2.62 -2.85
C ALA A 92 18.08 3.30 -1.51
N PHE A 93 16.87 3.14 -0.94
CA PHE A 93 16.57 3.75 0.36
C PHE A 93 17.50 3.21 1.44
N GLN A 94 17.68 1.89 1.47
CA GLN A 94 18.53 1.28 2.49
C GLN A 94 19.97 1.73 2.35
N THR A 95 20.45 1.84 1.11
CA THR A 95 21.81 2.33 0.89
C THR A 95 21.96 3.79 1.36
N LEU A 96 21.00 4.64 1.01
CA LEU A 96 21.05 6.03 1.45
C LEU A 96 21.02 6.18 2.97
N ILE A 97 20.18 5.38 3.61
CA ILE A 97 20.01 5.46 5.06
C ILE A 97 21.23 4.90 5.80
N ASN A 98 21.69 3.73 5.36
CA ASN A 98 22.68 2.98 6.12
C ASN A 98 24.13 3.26 5.75
N LYS A 99 24.41 3.39 4.46
CA LYS A 99 25.77 3.64 3.99
C LYS A 99 26.06 5.12 3.83
N ASP A 100 25.14 5.83 3.18
CA ASP A 100 25.35 7.25 2.90
C ASP A 100 24.97 8.19 4.05
N LYS A 101 24.28 7.65 5.05
CA LYS A 101 23.98 8.39 6.28
C LYS A 101 23.19 9.67 6.01
N VAL A 102 22.26 9.64 5.07
CA VAL A 102 21.60 10.88 4.68
C VAL A 102 20.66 11.39 5.78
N VAL A 103 20.46 12.70 5.81
CA VAL A 103 19.56 13.30 6.80
C VAL A 103 18.09 13.16 6.39
N GLY A 104 17.87 12.89 5.11
CA GLY A 104 16.53 12.73 4.58
C GLY A 104 16.63 12.34 3.11
N ILE A 105 15.50 11.93 2.54
CA ILE A 105 15.44 11.44 1.18
C ILE A 105 14.42 12.23 0.35
N VAL A 106 14.79 12.57 -0.87
CA VAL A 106 13.82 13.02 -1.87
C VAL A 106 13.57 11.86 -2.83
N GLY A 107 12.32 11.43 -2.95
CA GLY A 107 11.99 10.34 -3.85
C GLY A 107 10.81 9.56 -3.28
N PRO A 108 10.45 8.43 -3.93
CA PRO A 108 11.02 7.98 -5.19
C PRO A 108 10.20 8.56 -6.33
N THR A 109 10.43 8.13 -7.55
CA THR A 109 9.69 8.68 -8.68
C THR A 109 8.22 8.26 -8.71
N LEU A 110 7.93 7.00 -8.41
CA LEU A 110 6.57 6.48 -8.56
C LEU A 110 5.86 6.18 -7.25
N SER A 111 4.56 6.45 -7.18
CA SER A 111 3.76 6.01 -6.04
C SER A 111 3.83 4.50 -5.86
N GLN A 112 3.87 3.76 -6.96
CA GLN A 112 4.00 2.30 -6.92
C GLN A 112 5.23 1.90 -6.10
N GLN A 113 6.32 2.64 -6.28
CA GLN A 113 7.52 2.38 -5.52
C GLN A 113 7.41 2.89 -4.09
N ALA A 114 6.80 4.06 -3.91
CA ALA A 114 6.66 4.66 -2.59
C ALA A 114 5.88 3.79 -1.61
N PHE A 115 4.78 3.19 -2.06
CA PHE A 115 3.99 2.37 -1.14
C PHE A 115 4.77 1.19 -0.58
N SER A 116 5.75 0.70 -1.33
N SER A 116 5.73 0.67 -1.33
CA SER A 116 6.56 -0.44 -0.92
CA SER A 116 6.58 -0.42 -0.86
C SER A 116 7.80 -0.02 -0.12
C SER A 116 7.73 0.07 -0.01
N ALA A 117 8.44 1.06 -0.54
CA ALA A 117 9.71 1.50 0.06
C ALA A 117 9.61 2.53 1.19
N ASN A 118 8.66 3.46 1.08
CA ASN A 118 8.53 4.48 2.13
C ASN A 118 8.36 3.91 3.55
N PRO A 119 7.61 2.80 3.70
CA PRO A 119 7.53 2.23 5.05
C PRO A 119 8.87 1.85 5.67
N ILE A 120 9.87 1.56 4.83
CA ILE A 120 11.23 1.32 5.30
C ILE A 120 11.79 2.57 5.97
N ALA A 121 11.61 3.71 5.32
CA ALA A 121 12.09 4.96 5.90
C ALA A 121 11.28 5.36 7.13
N GLU A 122 9.98 5.11 7.08
CA GLU A 122 9.11 5.41 8.22
C GLU A 122 9.59 4.66 9.44
N ARG A 123 9.84 3.35 9.28
CA ARG A 123 10.28 2.48 10.38
C ARG A 123 11.64 2.95 10.92
N ALA A 124 12.49 3.41 10.01
CA ALA A 124 13.84 3.88 10.36
C ALA A 124 13.86 5.30 10.88
N LYS A 125 12.72 5.98 10.83
CA LYS A 125 12.62 7.38 11.24
C LYS A 125 13.53 8.31 10.41
N VAL A 126 13.43 8.16 9.11
CA VAL A 126 14.16 8.99 8.16
C VAL A 126 13.13 9.71 7.30
N PRO A 127 13.16 11.05 7.26
CA PRO A 127 12.12 11.72 6.46
C PRO A 127 12.26 11.44 4.96
N VAL A 128 11.12 11.36 4.30
CA VAL A 128 11.04 11.24 2.86
C VAL A 128 10.14 12.36 2.37
N VAL A 129 10.58 13.08 1.35
CA VAL A 129 9.71 14.03 0.68
C VAL A 129 9.50 13.58 -0.76
N GLY A 130 8.27 13.22 -1.11
CA GLY A 130 7.97 12.74 -2.46
C GLY A 130 7.87 13.89 -3.45
N PRO A 131 8.56 13.76 -4.59
CA PRO A 131 8.57 14.86 -5.57
C PRO A 131 7.53 14.68 -6.68
N SER A 132 6.90 13.52 -6.74
CA SER A 132 6.07 13.17 -7.89
C SER A 132 5.19 11.98 -7.54
N ASN A 133 4.77 11.89 -6.29
CA ASN A 133 3.93 10.76 -5.88
C ASN A 133 2.53 11.29 -5.62
N THR A 134 1.63 11.07 -6.57
CA THR A 134 0.36 11.78 -6.55
C THR A 134 -0.83 10.89 -6.25
N ALA A 135 -0.57 9.62 -5.95
CA ALA A 135 -1.64 8.68 -5.63
C ALA A 135 -2.29 9.00 -4.28
N LYS A 136 -3.57 8.67 -4.14
CA LYS A 136 -4.23 8.76 -2.85
C LYS A 136 -3.50 7.91 -1.81
N GLY A 137 -3.26 8.48 -0.63
CA GLY A 137 -2.70 7.69 0.46
C GLY A 137 -1.21 7.82 0.73
N ILE A 138 -0.48 8.56 -0.10
CA ILE A 138 0.96 8.69 0.10
C ILE A 138 1.37 9.30 1.47
N PRO A 139 0.85 10.50 1.81
CA PRO A 139 1.28 11.06 3.10
C PRO A 139 0.82 10.21 4.28
N GLU A 140 -0.25 9.45 4.08
CA GLU A 140 -0.80 8.59 5.13
C GLU A 140 0.08 7.38 5.43
N ILE A 141 1.11 7.15 4.62
CA ILE A 141 2.04 6.05 4.87
C ILE A 141 2.66 6.18 6.26
N GLY A 142 2.91 7.40 6.70
CA GLY A 142 3.37 7.61 8.06
C GLY A 142 3.84 9.00 8.36
N ASP A 143 4.36 9.17 9.58
CA ASP A 143 4.72 10.49 10.08
C ASP A 143 6.00 11.06 9.48
N TYR A 144 6.73 10.24 8.72
CA TYR A 144 7.98 10.65 8.10
C TYR A 144 7.84 10.81 6.59
N VAL A 145 6.62 10.69 6.09
CA VAL A 145 6.37 10.80 4.66
C VAL A 145 5.56 12.06 4.34
N ALA A 146 6.15 12.96 3.57
CA ALA A 146 5.47 14.15 3.07
C ALA A 146 5.62 14.18 1.55
N ARG A 147 4.88 15.05 0.88
CA ARG A 147 5.08 15.20 -0.56
C ARG A 147 4.89 16.64 -0.96
N VAL A 148 5.64 17.07 -1.98
CA VAL A 148 5.42 18.40 -2.57
C VAL A 148 4.61 18.34 -3.85
N SER A 149 4.24 17.12 -4.26
CA SER A 149 3.52 16.89 -5.51
C SER A 149 2.02 16.81 -5.29
N ALA A 150 1.27 17.80 -5.80
CA ALA A 150 -0.18 17.82 -5.62
C ALA A 150 -0.83 16.56 -6.14
N PRO A 151 -1.81 16.02 -5.41
CA PRO A 151 -2.33 14.70 -5.78
C PRO A 151 -3.35 14.71 -6.92
N VAL A 152 -3.62 13.51 -7.45
CA VAL A 152 -4.54 13.35 -8.57
C VAL A 152 -5.90 13.99 -8.34
N SER A 153 -6.39 13.94 -7.09
CA SER A 153 -7.71 14.48 -6.79
C SER A 153 -7.84 15.98 -7.04
N VAL A 154 -6.73 16.71 -6.94
CA VAL A 154 -6.78 18.15 -7.16
C VAL A 154 -6.30 18.57 -8.55
N VAL A 155 -5.46 17.75 -9.17
CA VAL A 155 -4.86 18.12 -10.46
C VAL A 155 -5.67 17.63 -11.65
N ALA A 156 -6.07 16.37 -11.63
CA ALA A 156 -6.68 15.74 -12.80
C ALA A 156 -8.02 16.32 -13.31
N PRO A 157 -8.94 16.68 -12.40
CA PRO A 157 -10.24 17.14 -12.92
C PRO A 157 -10.14 18.36 -13.84
N ASN A 158 -9.15 19.22 -13.62
CA ASN A 158 -9.00 20.40 -14.47
C ASN A 158 -8.83 20.10 -15.96
N SER A 159 -8.18 18.99 -16.27
CA SER A 159 -7.98 18.65 -17.68
C SER A 159 -9.30 18.22 -18.34
N VAL A 160 -10.19 17.60 -17.58
CA VAL A 160 -11.52 17.28 -18.12
C VAL A 160 -12.29 18.56 -18.42
N LYS A 161 -12.23 19.51 -17.48
CA LYS A 161 -12.90 20.80 -17.65
C LYS A 161 -12.32 21.55 -18.85
N ALA A 162 -11.02 21.46 -19.06
CA ALA A 162 -10.39 22.10 -20.22
C ALA A 162 -10.88 21.48 -21.52
N ALA A 163 -11.01 20.16 -21.54
CA ALA A 163 -11.48 19.47 -22.73
C ALA A 163 -12.88 19.94 -23.09
N LEU A 164 -13.73 20.08 -22.08
N LEU A 164 -13.74 20.08 -22.08
CA LEU A 164 -15.11 20.53 -22.29
CA LEU A 164 -15.11 20.53 -22.30
C LEU A 164 -15.19 22.00 -22.72
C LEU A 164 -15.19 22.00 -22.73
N LYS A 165 -14.21 22.79 -22.33
CA LYS A 165 -14.16 24.18 -22.77
C LYS A 165 -13.85 24.24 -24.28
N GLN A 166 -12.89 23.43 -24.72
CA GLN A 166 -12.51 23.40 -26.12
C GLN A 166 -13.56 22.72 -26.99
N ASN A 167 -14.29 21.76 -26.41
CA ASN A 167 -15.39 21.13 -27.12
C ASN A 167 -16.57 20.84 -26.22
N PRO A 168 -17.49 21.80 -26.10
CA PRO A 168 -18.63 21.68 -25.21
C PRO A 168 -19.57 20.54 -25.59
N ASN A 169 -19.41 19.99 -26.79
CA ASN A 169 -20.29 18.94 -27.24
C ASN A 169 -19.80 17.52 -27.00
N ILE A 170 -18.72 17.38 -26.23
CA ILE A 170 -18.28 16.06 -25.79
C ILE A 170 -19.40 15.39 -24.99
N LYS A 171 -19.72 14.15 -25.36
CA LYS A 171 -20.73 13.38 -24.62
C LYS A 171 -20.20 12.03 -24.18
N LYS A 172 -19.43 11.38 -25.04
CA LYS A 172 -18.96 10.02 -24.79
C LYS A 172 -17.48 9.99 -24.48
N VAL A 173 -17.10 9.29 -23.42
CA VAL A 173 -15.72 9.26 -22.96
C VAL A 173 -15.20 7.83 -22.80
N ALA A 174 -14.04 7.54 -23.39
CA ALA A 174 -13.38 6.25 -23.19
C ALA A 174 -12.17 6.46 -22.30
N VAL A 175 -12.00 5.59 -21.32
CA VAL A 175 -10.92 5.73 -20.34
C VAL A 175 -9.98 4.52 -20.43
N PHE A 176 -8.67 4.77 -20.34
CA PHE A 176 -7.65 3.73 -20.36
C PHE A 176 -6.80 3.89 -19.12
N PHE A 177 -6.40 2.79 -18.51
CA PHE A 177 -5.45 2.89 -17.39
C PHE A 177 -4.54 1.68 -17.25
N ALA A 178 -3.35 1.94 -16.70
CA ALA A 178 -2.36 0.89 -16.44
C ALA A 178 -2.72 0.18 -15.13
N GLN A 179 -3.19 -1.05 -15.24
N GLN A 179 -3.21 -1.05 -15.26
CA GLN A 179 -3.71 -1.75 -14.07
CA GLN A 179 -3.71 -1.82 -14.13
C GLN A 179 -2.63 -2.30 -13.14
C GLN A 179 -2.62 -2.19 -13.11
N ASN A 180 -1.38 -2.23 -13.56
CA ASN A 180 -0.27 -2.67 -12.70
C ASN A 180 0.40 -1.54 -11.92
N ASP A 181 -0.08 -0.30 -12.08
CA ASP A 181 0.58 0.85 -11.49
C ASP A 181 -0.31 1.60 -10.49
N ALA A 182 0.19 1.78 -9.27
CA ALA A 182 -0.61 2.35 -8.19
C ALA A 182 -1.14 3.73 -8.51
N PHE A 183 -0.28 4.58 -9.06
CA PHE A 183 -0.70 5.93 -9.44
C PHE A 183 -1.79 5.90 -10.50
N SER A 184 -1.61 5.08 -11.53
CA SER A 184 -2.55 5.03 -12.64
C SER A 184 -3.93 4.59 -12.16
N LYS A 185 -3.96 3.63 -11.24
CA LYS A 185 -5.23 3.19 -10.67
C LYS A 185 -5.89 4.29 -9.84
N SER A 186 -5.10 5.06 -9.12
CA SER A 186 -5.63 6.17 -8.33
C SER A 186 -6.15 7.28 -9.25
N GLU A 187 -5.38 7.59 -10.28
CA GLU A 187 -5.73 8.67 -11.19
C GLU A 187 -6.99 8.36 -11.97
N THR A 188 -7.12 7.12 -12.44
CA THR A 188 -8.25 6.77 -13.28
C THR A 188 -9.56 6.88 -12.48
N GLU A 189 -9.49 6.63 -11.19
CA GLU A 189 -10.68 6.74 -10.35
CA GLU A 189 -10.67 6.74 -10.34
C GLU A 189 -11.16 8.18 -10.31
N ILE A 190 -10.22 9.12 -10.21
CA ILE A 190 -10.58 10.54 -10.23
C ILE A 190 -11.13 10.96 -11.60
N PHE A 191 -10.46 10.55 -12.68
CA PHE A 191 -10.96 10.86 -14.01
C PHE A 191 -12.36 10.31 -14.22
N GLN A 192 -12.58 9.06 -13.80
CA GLN A 192 -13.91 8.46 -13.98
C GLN A 192 -14.97 9.19 -13.18
N GLN A 193 -14.65 9.59 -11.95
CA GLN A 193 -15.61 10.34 -11.13
C GLN A 193 -15.90 11.71 -11.75
N THR A 194 -14.88 12.33 -12.33
CA THR A 194 -15.06 13.65 -12.95
C THR A 194 -15.94 13.56 -14.18
N VAL A 195 -15.71 12.54 -15.00
CA VAL A 195 -16.55 12.28 -16.17
C VAL A 195 -18.01 12.17 -15.74
N LYS A 196 -18.25 11.39 -14.69
CA LYS A 196 -19.61 11.22 -14.16
C LYS A 196 -20.19 12.55 -13.67
N ASP A 197 -19.40 13.29 -12.90
CA ASP A 197 -19.86 14.55 -12.32
C ASP A 197 -20.13 15.64 -13.37
N GLN A 198 -19.47 15.53 -14.52
CA GLN A 198 -19.70 16.47 -15.61
C GLN A 198 -20.86 16.04 -16.51
N GLY A 199 -21.53 14.96 -16.13
CA GLY A 199 -22.71 14.51 -16.83
C GLY A 199 -22.43 13.80 -18.14
N LEU A 200 -21.24 13.25 -18.26
CA LEU A 200 -20.84 12.58 -19.50
C LEU A 200 -21.07 11.08 -19.41
N GLU A 201 -21.12 10.42 -20.56
CA GLU A 201 -21.29 8.97 -20.62
C GLU A 201 -19.93 8.27 -20.70
N LEU A 202 -19.67 7.39 -19.73
CA LEU A 202 -18.45 6.59 -19.75
C LEU A 202 -18.71 5.35 -20.59
N VAL A 203 -18.15 5.30 -21.81
CA VAL A 203 -18.51 4.22 -22.73
C VAL A 203 -17.68 2.95 -22.55
N THR A 204 -16.48 3.10 -21.99
CA THR A 204 -15.63 1.96 -21.66
C THR A 204 -14.46 2.36 -20.77
N VAL A 205 -13.99 1.41 -19.98
CA VAL A 205 -12.74 1.52 -19.26
C VAL A 205 -11.86 0.35 -19.70
N GLN A 206 -10.75 0.67 -20.36
CA GLN A 206 -9.84 -0.35 -20.88
C GLN A 206 -8.59 -0.40 -20.04
N LYS A 207 -8.09 -1.60 -19.81
CA LYS A 207 -6.89 -1.82 -19.01
C LYS A 207 -5.70 -2.19 -19.88
N PHE A 208 -4.51 -1.81 -19.42
CA PHE A 208 -3.26 -2.24 -20.04
C PHE A 208 -2.17 -2.32 -18.97
N GLN A 209 -0.98 -2.77 -19.36
CA GLN A 209 0.17 -2.81 -18.44
C GLN A 209 1.16 -1.75 -18.87
N THR A 210 1.88 -1.17 -17.92
CA THR A 210 2.88 -0.15 -18.26
C THR A 210 3.97 -0.69 -19.19
N THR A 211 4.17 -2.01 -19.16
CA THR A 211 5.21 -2.64 -19.96
C THR A 211 4.74 -3.00 -21.37
N ASP A 212 3.44 -2.85 -21.64
CA ASP A 212 2.92 -3.11 -22.98
C ASP A 212 3.40 -2.06 -23.98
N THR A 213 3.55 -2.47 -25.23
CA THR A 213 3.85 -1.55 -26.32
C THR A 213 2.72 -1.55 -27.35
N ASP A 214 1.91 -2.60 -27.35
CA ASP A 214 0.84 -2.77 -28.33
C ASP A 214 -0.51 -2.66 -27.66
N PHE A 215 -1.38 -1.79 -28.19
CA PHE A 215 -2.68 -1.54 -27.59
C PHE A 215 -3.79 -1.65 -28.62
N GLN A 216 -3.54 -2.40 -29.70
CA GLN A 216 -4.48 -2.40 -30.80
C GLN A 216 -5.87 -2.87 -30.37
N SER A 217 -5.94 -3.94 -29.58
CA SER A 217 -7.26 -4.44 -29.19
C SER A 217 -8.04 -3.46 -28.33
N GLN A 218 -7.40 -2.88 -27.31
CA GLN A 218 -8.10 -1.92 -26.45
C GLN A 218 -8.47 -0.65 -27.20
N ALA A 219 -7.55 -0.18 -28.05
CA ALA A 219 -7.80 1.05 -28.80
C ALA A 219 -8.98 0.86 -29.75
N THR A 220 -8.99 -0.26 -30.46
CA THR A 220 -10.09 -0.55 -31.37
C THR A 220 -11.41 -0.72 -30.64
N ASN A 221 -11.39 -1.43 -29.52
CA ASN A 221 -12.59 -1.58 -28.70
C ASN A 221 -13.20 -0.24 -28.34
N ALA A 222 -12.35 0.70 -27.96
CA ALA A 222 -12.80 2.04 -27.61
C ALA A 222 -13.28 2.81 -28.83
N ILE A 223 -12.51 2.77 -29.91
CA ILE A 223 -12.84 3.54 -31.11
C ILE A 223 -14.20 3.10 -31.68
N ASN A 224 -14.54 1.83 -31.52
CA ASN A 224 -15.82 1.32 -31.99
C ASN A 224 -17.02 1.90 -31.24
N LEU A 225 -16.77 2.48 -30.06
CA LEU A 225 -17.83 3.07 -29.27
C LEU A 225 -18.01 4.56 -29.55
N LYS A 226 -17.26 5.06 -30.53
CA LYS A 226 -17.34 6.46 -30.96
C LYS A 226 -17.20 7.51 -29.86
N PRO A 227 -16.11 7.42 -29.09
CA PRO A 227 -15.95 8.44 -28.04
C PRO A 227 -15.60 9.81 -28.61
N ASP A 228 -15.95 10.86 -27.87
CA ASP A 228 -15.58 12.22 -28.21
C ASP A 228 -14.33 12.65 -27.44
N LEU A 229 -14.02 11.91 -26.37
CA LEU A 229 -12.88 12.21 -25.51
C LEU A 229 -12.28 10.88 -25.06
N VAL A 230 -10.95 10.81 -25.06
CA VAL A 230 -10.23 9.64 -24.53
C VAL A 230 -9.32 10.13 -23.42
N ILE A 231 -9.32 9.43 -22.30
CA ILE A 231 -8.46 9.75 -21.17
C ILE A 231 -7.51 8.59 -20.89
N ILE A 232 -6.22 8.90 -20.74
CA ILE A 232 -5.20 7.87 -20.51
C ILE A 232 -4.45 8.10 -19.21
N SER A 233 -4.48 7.11 -18.33
CA SER A 233 -3.64 7.10 -17.12
C SER A 233 -2.61 6.00 -17.24
N GLY A 234 -1.39 6.38 -17.61
CA GLY A 234 -0.30 5.44 -17.68
C GLY A 234 1.00 6.19 -17.41
N LEU A 235 2.12 5.58 -17.76
CA LEU A 235 3.39 6.27 -17.68
C LEU A 235 3.78 6.74 -19.09
N ALA A 236 5.05 7.11 -19.28
CA ALA A 236 5.42 7.86 -20.48
C ALA A 236 5.52 7.03 -21.76
N ALA A 237 6.30 5.97 -21.73
CA ALA A 237 6.48 5.14 -22.93
C ALA A 237 5.16 4.49 -23.34
N ASP A 238 4.47 3.90 -22.37
CA ASP A 238 3.18 3.26 -22.63
C ASP A 238 2.13 4.30 -23.06
N GLY A 239 2.06 5.42 -22.34
CA GLY A 239 1.09 6.45 -22.68
C GLY A 239 1.29 6.98 -24.08
N GLY A 240 2.55 7.27 -24.42
CA GLY A 240 2.86 7.81 -25.73
C GLY A 240 2.53 6.84 -26.86
N ASN A 241 2.86 5.56 -26.65
CA ASN A 241 2.56 4.55 -27.65
C ASN A 241 1.05 4.41 -27.87
N LEU A 242 0.28 4.46 -26.78
CA LEU A 242 -1.18 4.40 -26.87
C LEU A 242 -1.77 5.60 -27.64
N VAL A 243 -1.29 6.81 -27.35
CA VAL A 243 -1.73 7.99 -28.10
C VAL A 243 -1.48 7.81 -29.60
N ARG A 244 -0.27 7.38 -29.95
CA ARG A 244 0.09 7.21 -31.35
C ARG A 244 -0.84 6.19 -32.01
N GLN A 245 -1.05 5.06 -31.33
CA GLN A 245 -1.87 4.00 -31.92
C GLN A 245 -3.34 4.38 -32.06
N LEU A 246 -3.88 5.13 -31.10
CA LEU A 246 -5.23 5.66 -31.24
C LEU A 246 -5.36 6.51 -32.51
N ARG A 247 -4.39 7.37 -32.76
CA ARG A 247 -4.44 8.21 -33.96
C ARG A 247 -4.29 7.38 -35.23
N GLU A 248 -3.38 6.40 -35.19
CA GLU A 248 -3.17 5.52 -36.34
C GLU A 248 -4.44 4.76 -36.70
N LEU A 249 -5.19 4.37 -35.68
CA LEU A 249 -6.42 3.60 -35.86
C LEU A 249 -7.61 4.47 -36.22
N GLY A 250 -7.39 5.78 -36.37
CA GLY A 250 -8.40 6.67 -36.89
C GLY A 250 -9.17 7.52 -35.89
N TYR A 251 -8.80 7.45 -34.62
CA TYR A 251 -9.47 8.27 -33.60
C TYR A 251 -9.16 9.74 -33.81
N GLN A 252 -10.20 10.56 -33.91
CA GLN A 252 -10.03 11.98 -34.22
C GLN A 252 -10.47 12.92 -33.10
N GLY A 253 -10.91 12.37 -31.99
CA GLY A 253 -11.42 13.18 -30.89
C GLY A 253 -10.36 13.72 -29.96
N ALA A 254 -10.80 14.26 -28.83
CA ALA A 254 -9.89 14.86 -27.86
C ALA A 254 -9.19 13.80 -27.04
N ILE A 255 -7.99 14.13 -26.54
CA ILE A 255 -7.24 13.21 -25.69
C ILE A 255 -6.69 13.95 -24.47
N ILE A 256 -6.89 13.37 -23.29
CA ILE A 256 -6.28 13.86 -22.07
C ILE A 256 -5.28 12.82 -21.63
N GLY A 257 -4.08 13.26 -21.28
CA GLY A 257 -3.10 12.39 -20.64
C GLY A 257 -2.98 12.77 -19.17
N GLY A 258 -2.80 11.77 -18.32
CA GLY A 258 -2.57 12.03 -16.92
C GLY A 258 -1.13 12.38 -16.62
N ASN A 259 -0.80 12.45 -15.34
CA ASN A 259 0.51 12.94 -14.89
C ASN A 259 1.68 12.10 -15.40
N GLY A 260 1.43 10.81 -15.65
CA GLY A 260 2.49 9.94 -16.15
C GLY A 260 2.91 10.21 -17.59
N LEU A 261 2.11 10.98 -18.31
CA LEU A 261 2.45 11.37 -19.68
C LEU A 261 3.04 12.77 -19.72
N ASN A 262 3.24 13.37 -18.55
CA ASN A 262 3.58 14.79 -18.47
C ASN A 262 5.08 15.03 -18.66
N THR A 263 5.56 14.72 -19.87
CA THR A 263 6.95 14.91 -20.20
C THR A 263 7.13 15.03 -21.70
N SER A 264 8.08 15.85 -22.13
CA SER A 264 8.38 15.99 -23.55
C SER A 264 8.97 14.68 -24.09
N ASN A 265 9.33 13.77 -23.20
CA ASN A 265 9.82 12.48 -23.63
C ASN A 265 8.74 11.66 -24.34
N VAL A 266 7.48 12.09 -24.25
CA VAL A 266 6.46 11.44 -25.06
C VAL A 266 6.48 11.90 -26.52
N PHE A 267 7.08 13.08 -26.79
CA PHE A 267 7.08 13.62 -28.15
C PHE A 267 7.74 12.66 -29.14
N ALA A 268 8.81 12.00 -28.68
CA ALA A 268 9.56 11.10 -29.56
C ALA A 268 8.72 9.90 -29.98
N VAL A 269 7.80 9.52 -29.11
CA VAL A 269 7.03 8.29 -29.28
C VAL A 269 5.81 8.48 -30.18
N CYS A 270 5.06 9.57 -29.97
CA CYS A 270 3.88 9.81 -30.79
C CYS A 270 4.15 10.79 -31.94
N LYS A 271 5.26 11.53 -31.83
CA LYS A 271 5.64 12.49 -32.89
C LYS A 271 4.50 13.47 -33.22
N ALA A 272 4.17 13.70 -34.49
CA ALA A 272 3.12 14.67 -34.80
C ALA A 272 1.75 14.28 -34.21
N LEU A 273 1.58 12.98 -33.96
CA LEU A 273 0.31 12.48 -33.44
C LEU A 273 0.09 12.78 -31.95
N CYS A 274 1.07 13.40 -31.29
CA CYS A 274 0.96 13.87 -29.90
C CYS A 274 0.13 15.16 -29.87
N ASP A 275 -0.04 15.80 -31.02
CA ASP A 275 -0.61 17.16 -31.04
C ASP A 275 -2.01 17.23 -30.43
N GLY A 276 -2.21 18.20 -29.52
CA GLY A 276 -3.52 18.43 -28.95
C GLY A 276 -3.80 17.73 -27.63
N VAL A 277 -2.91 16.84 -27.20
CA VAL A 277 -3.12 16.15 -25.93
C VAL A 277 -3.11 17.15 -24.77
N LEU A 278 -4.13 17.07 -23.91
CA LEU A 278 -4.25 17.95 -22.75
C LEU A 278 -3.70 17.27 -21.52
N ILE A 279 -2.83 17.97 -20.78
CA ILE A 279 -2.28 17.42 -19.54
C ILE A 279 -2.28 18.48 -18.44
N ALA A 280 -2.88 18.17 -17.31
CA ALA A 280 -2.93 19.09 -16.18
C ALA A 280 -1.53 19.34 -15.60
N GLN A 281 -1.36 20.50 -14.98
CA GLN A 281 -0.05 20.91 -14.48
C GLN A 281 -0.15 21.48 -13.06
N ALA A 282 0.84 21.16 -12.24
CA ALA A 282 0.93 21.69 -10.89
C ALA A 282 2.07 22.72 -10.80
N TYR A 283 2.43 23.28 -11.95
CA TYR A 283 3.53 24.22 -12.08
C TYR A 283 3.36 25.01 -13.36
N SER A 284 3.72 26.29 -13.35
CA SER A 284 3.75 27.07 -14.57
C SER A 284 5.05 27.88 -14.65
N PRO A 285 5.77 27.75 -15.78
CA PRO A 285 7.01 28.52 -15.99
C PRO A 285 6.76 30.01 -15.88
N GLU A 286 5.55 30.45 -16.26
CA GLU A 286 5.22 31.87 -16.26
C GLU A 286 4.81 32.41 -14.89
N TYR A 287 4.73 31.54 -13.89
CA TYR A 287 4.47 32.00 -12.53
C TYR A 287 5.55 33.00 -12.10
N THR A 288 5.12 34.16 -11.61
CA THR A 288 6.02 35.29 -11.42
C THR A 288 6.77 35.35 -10.09
N GLY A 289 6.65 34.33 -9.26
CA GLY A 289 7.41 34.28 -8.01
C GLY A 289 8.90 34.43 -8.28
N GLU A 290 9.59 35.17 -7.43
CA GLU A 290 11.00 35.49 -7.65
C GLU A 290 11.89 34.25 -7.81
N ILE A 291 11.64 33.22 -7.01
CA ILE A 291 12.46 32.02 -7.09
C ILE A 291 12.15 31.24 -8.36
N ASN A 292 10.93 31.37 -8.87
CA ASN A 292 10.62 30.73 -10.13
C ASN A 292 11.33 31.42 -11.28
N LYS A 293 11.41 32.75 -11.23
CA LYS A 293 12.16 33.49 -12.24
C LYS A 293 13.60 33.02 -12.24
N ALA A 294 14.17 32.84 -11.07
CA ALA A 294 15.56 32.39 -10.96
C ALA A 294 15.71 30.95 -11.44
N PHE A 295 14.80 30.08 -11.03
CA PHE A 295 14.82 28.69 -11.42
C PHE A 295 14.60 28.55 -12.92
N ARG A 296 13.59 29.24 -13.43
CA ARG A 296 13.27 29.22 -14.86
C ARG A 296 14.45 29.71 -15.69
N GLN A 297 15.05 30.81 -15.25
CA GLN A 297 16.16 31.38 -16.01
C GLN A 297 17.33 30.39 -16.05
N ALA A 298 17.61 29.76 -14.92
CA ALA A 298 18.70 28.79 -14.83
C ALA A 298 18.40 27.58 -15.71
N TYR A 299 17.14 27.14 -15.72
CA TYR A 299 16.75 26.00 -16.53
C TYR A 299 16.80 26.33 -18.02
N VAL A 300 16.18 27.44 -18.41
CA VAL A 300 16.11 27.81 -19.82
C VAL A 300 17.49 28.05 -20.41
N ASP A 301 18.37 28.70 -19.65
CA ASP A 301 19.71 28.99 -20.14
C ASP A 301 20.46 27.69 -20.44
N GLN A 302 20.21 26.65 -19.63
CA GLN A 302 20.91 25.39 -19.82
C GLN A 302 20.23 24.46 -20.83
N TYR A 303 18.92 24.27 -20.68
CA TYR A 303 18.22 23.26 -21.46
C TYR A 303 17.48 23.79 -22.70
N LYS A 304 17.46 25.12 -22.84
CA LYS A 304 16.93 25.79 -24.03
C LYS A 304 15.43 25.54 -24.24
N LYS A 305 14.73 25.26 -23.15
CA LYS A 305 13.29 25.10 -23.18
C LYS A 305 12.75 25.43 -21.80
N GLU A 306 11.42 25.55 -21.69
CA GLU A 306 10.81 25.85 -20.41
C GLU A 306 10.95 24.68 -19.43
N PRO A 307 11.12 24.99 -18.14
CA PRO A 307 11.21 23.92 -17.14
C PRO A 307 9.91 23.13 -17.07
N PRO A 308 10.02 21.79 -17.10
CA PRO A 308 8.86 20.91 -16.92
C PRO A 308 8.44 20.82 -15.46
N GLN A 309 7.18 20.49 -15.24
CA GLN A 309 6.64 20.28 -13.91
C GLN A 309 7.54 19.42 -13.02
N PHE A 310 7.95 18.26 -13.52
CA PHE A 310 8.75 17.36 -12.68
C PHE A 310 10.06 17.96 -12.22
N SER A 311 10.66 18.82 -13.04
CA SER A 311 11.88 19.52 -12.65
C SER A 311 11.61 20.51 -11.51
N ALA A 312 10.52 21.27 -11.64
CA ALA A 312 10.17 22.25 -10.62
C ALA A 312 9.82 21.58 -9.28
N GLN A 313 9.11 20.47 -9.36
CA GLN A 313 8.72 19.73 -8.17
C GLN A 313 9.94 19.12 -7.45
N ALA A 314 10.90 18.60 -8.22
CA ALA A 314 12.12 18.09 -7.60
C ALA A 314 12.93 19.21 -6.94
N PHE A 315 12.99 20.37 -7.59
CA PHE A 315 13.63 21.55 -7.00
C PHE A 315 12.96 21.90 -5.67
N ALA A 316 11.63 21.91 -5.67
CA ALA A 316 10.88 22.29 -4.47
C ALA A 316 11.15 21.32 -3.31
N ALA A 317 11.28 20.04 -3.63
CA ALA A 317 11.56 19.05 -2.59
C ALA A 317 12.94 19.31 -1.94
N VAL A 318 13.95 19.62 -2.77
CA VAL A 318 15.27 19.96 -2.24
C VAL A 318 15.18 21.24 -1.40
N GLN A 319 14.45 22.23 -1.90
CA GLN A 319 14.25 23.50 -1.21
C GLN A 319 13.68 23.29 0.17
N VAL A 320 12.69 22.41 0.26
CA VAL A 320 12.08 22.11 1.56
C VAL A 320 13.13 21.63 2.54
N TYR A 321 14.00 20.72 2.09
CA TYR A 321 15.08 20.26 2.97
C TYR A 321 16.08 21.36 3.35
N VAL A 322 16.50 22.16 2.39
CA VAL A 322 17.50 23.20 2.68
C VAL A 322 16.96 24.22 3.68
N GLU A 323 15.74 24.70 3.43
CA GLU A 323 15.18 25.74 4.27
C GLU A 323 14.85 25.18 5.65
N SER A 324 14.45 23.92 5.72
CA SER A 324 14.19 23.30 7.02
C SER A 324 15.48 23.07 7.80
N LEU A 325 16.54 22.65 7.10
CA LEU A 325 17.83 22.48 7.73
C LEU A 325 18.33 23.81 8.29
N LYS A 326 18.10 24.89 7.53
CA LYS A 326 18.52 26.22 7.99
C LYS A 326 17.78 26.63 9.26
N ALA A 327 16.47 26.41 9.26
CA ALA A 327 15.66 26.78 10.41
C ALA A 327 16.01 25.94 11.63
N LEU A 328 16.23 24.65 11.42
CA LEU A 328 16.63 23.76 12.50
C LEU A 328 18.01 24.15 13.05
N ASP A 329 18.95 24.41 12.15
CA ASP A 329 20.33 24.71 12.53
C ASP A 329 20.43 25.98 13.35
N THR A 330 19.57 26.95 13.04
CA THR A 330 19.53 28.21 13.77
C THR A 330 19.06 27.99 15.22
N LYS A 331 18.13 27.06 15.40
CA LYS A 331 17.57 26.76 16.72
C LYS A 331 18.38 25.73 17.51
N ASN A 332 19.13 24.91 16.79
CA ASN A 332 19.71 23.69 17.34
C ASN A 332 20.82 23.24 16.39
N LYS A 333 22.03 23.73 16.61
CA LYS A 333 23.13 23.57 15.66
C LYS A 333 23.30 22.14 15.20
N VAL A 334 23.08 21.88 13.91
CA VAL A 334 23.00 20.50 13.43
C VAL A 334 24.32 19.73 13.50
N SER A 335 25.44 20.44 13.48
CA SER A 335 26.74 19.76 13.55
C SER A 335 26.93 19.06 14.90
N LYS A 336 26.12 19.42 15.88
CA LYS A 336 26.23 18.84 17.22
C LYS A 336 25.14 17.82 17.54
N ILE A 337 24.22 17.62 16.61
CA ILE A 337 23.14 16.65 16.79
C ILE A 337 23.52 15.32 16.14
N GLN A 338 23.40 14.22 16.88
CA GLN A 338 23.67 12.92 16.28
CA GLN A 338 23.67 12.91 16.29
C GLN A 338 22.61 12.58 15.25
N LEU A 339 22.96 11.71 14.30
CA LEU A 339 22.12 11.47 13.14
C LEU A 339 20.64 11.05 13.41
N PRO A 340 20.39 10.12 14.35
CA PRO A 340 18.98 9.74 14.50
C PRO A 340 18.09 10.90 14.97
N GLU A 341 18.61 11.74 15.87
CA GLU A 341 17.86 12.90 16.35
C GLU A 341 17.79 13.99 15.28
N LEU A 342 18.87 14.15 14.52
CA LEU A 342 18.86 15.10 13.41
C LEU A 342 17.74 14.77 12.44
N ARG A 343 17.62 13.49 12.09
CA ARG A 343 16.55 13.06 11.19
C ARG A 343 15.16 13.36 11.76
N THR A 344 14.97 13.02 13.03
CA THR A 344 13.68 13.22 13.66
C THR A 344 13.32 14.71 13.79
N GLU A 345 14.29 15.52 14.19
CA GLU A 345 14.07 16.96 14.28
C GLU A 345 13.88 17.63 12.91
N LEU A 346 14.56 17.11 11.89
CA LEU A 346 14.41 17.64 10.54
C LEU A 346 13.01 17.36 10.01
N ASN A 347 12.54 16.13 10.25
CA ASN A 347 11.19 15.77 9.87
C ASN A 347 10.15 16.67 10.53
N LYS A 348 10.29 16.86 11.84
CA LYS A 348 9.39 17.70 12.61
C LYS A 348 9.41 19.13 12.06
N GLN A 349 10.61 19.64 11.79
CA GLN A 349 10.75 20.99 11.29
C GLN A 349 10.12 21.21 9.91
N LEU A 350 10.38 20.29 8.98
CA LEU A 350 9.94 20.53 7.60
C LEU A 350 8.42 20.58 7.53
N LEU A 351 7.75 19.82 8.38
CA LEU A 351 6.31 19.79 8.38
C LEU A 351 5.67 21.12 8.80
N THR A 352 6.42 21.94 9.53
CA THR A 352 5.90 23.23 10.02
C THR A 352 6.22 24.39 9.10
N GLY A 353 7.01 24.16 8.06
CA GLY A 353 7.56 25.26 7.27
C GLY A 353 6.63 25.79 6.21
N LYS A 354 6.87 27.04 5.80
CA LYS A 354 6.19 27.66 4.67
C LYS A 354 7.26 27.99 3.66
N TYR A 355 7.02 27.64 2.39
CA TYR A 355 8.07 27.72 1.38
C TYR A 355 7.59 28.44 0.14
N ASN A 356 8.37 29.44 -0.30
CA ASN A 356 8.10 30.13 -1.54
C ASN A 356 8.91 29.48 -2.64
N THR A 357 8.27 28.57 -3.36
CA THR A 357 8.95 27.66 -4.28
C THR A 357 8.58 27.99 -5.73
N PRO A 358 9.22 27.32 -6.70
CA PRO A 358 8.76 27.57 -8.07
C PRO A 358 7.30 27.15 -8.30
N LEU A 359 6.78 26.30 -7.42
CA LEU A 359 5.41 25.82 -7.51
C LEU A 359 4.43 26.81 -6.93
N GLY A 360 4.95 27.91 -6.37
CA GLY A 360 4.14 28.82 -5.60
C GLY A 360 4.41 28.65 -4.11
N GLU A 361 3.63 29.37 -3.30
CA GLU A 361 3.77 29.26 -1.85
C GLU A 361 3.14 27.94 -1.42
N ILE A 362 3.94 27.08 -0.79
CA ILE A 362 3.41 25.81 -0.31
C ILE A 362 3.72 25.58 1.16
N SER A 363 2.98 24.66 1.74
CA SER A 363 3.19 24.24 3.11
C SER A 363 2.65 22.82 3.22
N PHE A 364 2.62 22.29 4.42
CA PHE A 364 2.16 20.93 4.64
C PHE A 364 1.02 20.88 5.66
N THR A 365 0.15 19.89 5.51
CA THR A 365 -0.82 19.56 6.56
C THR A 365 -0.05 18.79 7.63
N PRO A 366 -0.65 18.58 8.81
CA PRO A 366 0.07 17.85 9.87
C PRO A 366 0.48 16.42 9.49
N ILE A 367 -0.10 15.85 8.43
CA ILE A 367 0.34 14.52 8.01
C ILE A 367 1.16 14.53 6.73
N GLY A 368 1.60 15.70 6.29
CA GLY A 368 2.56 15.76 5.18
C GLY A 368 1.98 15.93 3.80
N GLU A 369 0.68 16.24 3.72
CA GLU A 369 0.05 16.54 2.44
C GLU A 369 0.46 17.94 2.02
N VAL A 370 0.66 18.15 0.72
CA VAL A 370 1.03 19.48 0.26
C VAL A 370 -0.18 20.41 0.25
N VAL A 371 0.08 21.67 0.59
CA VAL A 371 -0.92 22.71 0.52
C VAL A 371 -0.47 23.62 -0.61
N GLN A 372 -1.25 23.67 -1.69
CA GLN A 372 -0.88 24.39 -2.90
C GLN A 372 -2.13 24.91 -3.55
N LYS A 373 -2.12 26.17 -3.99
CA LYS A 373 -3.33 26.81 -4.47
C LYS A 373 -3.58 26.76 -5.99
N ASP A 374 -2.53 26.94 -6.79
CA ASP A 374 -2.73 27.17 -8.22
C ASP A 374 -2.37 26.01 -9.12
N PHE A 375 -3.27 25.73 -10.07
CA PHE A 375 -3.10 24.63 -11.00
C PHE A 375 -3.45 25.08 -12.40
N TYR A 376 -2.98 24.34 -13.38
CA TYR A 376 -3.08 24.76 -14.76
C TYR A 376 -3.38 23.56 -15.64
N VAL A 377 -3.62 23.82 -16.92
CA VAL A 377 -3.69 22.76 -17.92
C VAL A 377 -2.86 23.22 -19.12
N ALA A 378 -2.04 22.33 -19.65
CA ALA A 378 -1.27 22.62 -20.85
C ALA A 378 -1.70 21.67 -21.97
N GLN A 379 -1.34 22.05 -23.19
CA GLN A 379 -1.72 21.28 -24.36
C GLN A 379 -0.49 21.10 -25.25
N ILE A 380 -0.26 19.87 -25.69
CA ILE A 380 0.89 19.61 -26.54
C ILE A 380 0.67 20.24 -27.91
N LYS A 381 1.66 20.99 -28.36
N LYS A 381 1.65 21.01 -28.35
CA LYS A 381 1.65 21.58 -29.70
CA LYS A 381 1.64 21.57 -29.69
C LYS A 381 2.85 21.08 -30.47
C LYS A 381 2.86 21.04 -30.44
N GLU A 383 5.16 20.63 -33.92
CA GLU A 383 5.42 21.16 -35.25
C GLU A 383 5.00 20.08 -36.25
N LYS A 384 4.54 20.50 -37.44
CA LYS A 384 3.96 19.58 -38.42
C LYS A 384 4.84 18.39 -38.76
N ASP A 385 6.15 18.63 -38.83
CA ASP A 385 7.11 17.58 -39.16
C ASP A 385 7.21 16.53 -38.06
N GLY A 386 6.71 16.87 -36.87
CA GLY A 386 6.64 15.94 -35.76
C GLY A 386 7.93 15.76 -34.99
N SER A 387 8.96 16.53 -35.34
CA SER A 387 10.28 16.35 -34.74
C SER A 387 10.49 17.25 -33.53
N GLN A 388 9.59 18.22 -33.35
CA GLN A 388 9.71 19.19 -32.27
C GLN A 388 8.33 19.55 -31.73
N GLY A 389 8.27 19.85 -30.46
CA GLY A 389 7.02 20.27 -29.86
C GLY A 389 7.21 21.06 -28.58
N LYS A 390 6.10 21.47 -27.99
CA LYS A 390 6.12 22.21 -26.73
C LYS A 390 4.79 22.04 -26.01
N PHE A 391 4.77 22.43 -24.75
CA PHE A 391 3.53 22.49 -23.98
C PHE A 391 3.04 23.93 -23.94
N THR A 392 1.87 24.17 -24.50
CA THR A 392 1.26 25.49 -24.44
C THR A 392 0.30 25.55 -23.27
N PHE A 393 0.50 26.50 -22.37
CA PHE A 393 -0.38 26.64 -21.23
C PHE A 393 -1.67 27.36 -21.61
N LEU A 394 -2.79 26.78 -21.21
CA LEU A 394 -4.09 27.41 -21.45
C LEU A 394 -4.30 28.58 -20.49
N LYS A 395 -4.94 29.63 -20.97
CA LYS A 395 -5.15 30.80 -20.12
C LYS A 395 -6.22 30.56 -19.06
N ASN B 32 12.70 -36.14 -4.55
CA ASN B 32 12.19 -34.89 -5.13
C ASN B 32 10.94 -34.38 -4.41
N THR B 33 10.92 -33.08 -4.12
CA THR B 33 9.81 -32.47 -3.42
C THR B 33 9.46 -31.12 -4.03
N ILE B 34 8.27 -30.62 -3.73
CA ILE B 34 7.84 -29.31 -4.21
C ILE B 34 7.92 -28.30 -3.08
N PRO B 35 8.76 -27.27 -3.24
CA PRO B 35 8.99 -26.30 -2.16
C PRO B 35 7.94 -25.19 -2.11
N ILE B 36 7.30 -25.03 -0.95
CA ILE B 36 6.36 -23.96 -0.71
C ILE B 36 6.91 -23.10 0.42
N GLY B 37 6.98 -21.79 0.19
CA GLY B 37 7.56 -20.89 1.17
C GLY B 37 6.55 -20.46 2.21
N ILE B 38 7.00 -20.43 3.46
CA ILE B 38 6.17 -19.97 4.56
C ILE B 38 6.90 -18.79 5.22
N ALA B 39 6.32 -17.60 5.09
CA ALA B 39 6.95 -16.37 5.59
C ALA B 39 6.07 -15.75 6.65
N LEU B 40 6.37 -16.04 7.91
CA LEU B 40 5.55 -15.62 9.03
C LEU B 40 6.41 -15.04 10.14
N ALA B 41 5.77 -14.32 11.05
CA ALA B 41 6.49 -13.75 12.19
C ALA B 41 6.81 -14.82 13.22
N GLN B 42 8.06 -15.23 13.30
CA GLN B 42 8.50 -16.23 14.27
C GLN B 42 9.30 -15.62 15.40
N THR B 43 9.63 -14.34 15.23
CA THR B 43 10.26 -13.54 16.27
C THR B 43 9.55 -12.18 16.31
N SER B 44 9.84 -11.40 17.35
CA SER B 44 9.20 -10.11 17.66
C SER B 44 7.86 -10.34 18.36
N ASN B 45 7.23 -9.27 18.83
CA ASN B 45 5.91 -9.40 19.44
C ASN B 45 4.87 -9.89 18.45
N VAL B 46 5.15 -9.76 17.15
CA VAL B 46 4.22 -10.24 16.14
C VAL B 46 4.18 -11.78 16.15
N ALA B 47 5.21 -12.40 16.72
CA ALA B 47 5.23 -13.87 16.87
C ALA B 47 4.12 -14.39 17.80
N LEU B 48 3.54 -13.52 18.62
CA LEU B 48 2.39 -13.94 19.43
C LEU B 48 1.22 -14.36 18.52
N LEU B 49 1.20 -13.81 17.32
CA LEU B 49 0.21 -14.19 16.30
C LEU B 49 0.79 -15.25 15.37
N GLY B 50 2.05 -15.07 14.99
CA GLY B 50 2.70 -15.99 14.06
C GLY B 50 2.83 -17.42 14.55
N GLN B 51 2.99 -17.61 15.86
CA GLN B 51 3.19 -18.95 16.42
C GLN B 51 2.09 -19.93 16.03
N GLU B 52 0.84 -19.47 16.09
CA GLU B 52 -0.32 -20.31 15.79
C GLU B 52 -0.33 -20.65 14.30
N GLN B 53 0.16 -19.73 13.49
CA GLN B 53 0.19 -19.94 12.05
C GLN B 53 1.21 -21.00 11.67
N VAL B 54 2.38 -20.93 12.27
CA VAL B 54 3.40 -21.95 12.08
C VAL B 54 2.85 -23.33 12.45
N ALA B 55 2.13 -23.40 13.57
CA ALA B 55 1.52 -24.66 14.02
C ALA B 55 0.56 -25.22 12.98
N GLY B 56 -0.32 -24.35 12.45
CA GLY B 56 -1.28 -24.78 11.45
C GLY B 56 -0.64 -25.25 10.15
N ALA B 57 0.41 -24.55 9.74
CA ALA B 57 1.15 -24.91 8.53
C ALA B 57 1.83 -26.27 8.67
N LYS B 58 2.43 -26.53 9.83
CA LYS B 58 3.09 -27.81 10.05
C LYS B 58 2.10 -28.96 10.06
N ILE B 59 0.94 -28.72 10.65
CA ILE B 59 -0.12 -29.71 10.65
C ILE B 59 -0.58 -30.02 9.22
N ALA B 60 -0.70 -28.98 8.40
CA ALA B 60 -1.06 -29.15 7.00
C ALA B 60 -0.02 -29.97 6.24
N GLU B 61 1.26 -29.66 6.48
CA GLU B 61 2.33 -30.37 5.79
C GLU B 61 2.27 -31.87 6.02
N LYS B 62 2.09 -32.27 7.28
CA LYS B 62 2.00 -33.69 7.59
C LYS B 62 0.72 -34.30 7.01
N TYR B 63 -0.39 -33.58 7.17
CA TYR B 63 -1.68 -34.08 6.69
C TYR B 63 -1.64 -34.34 5.19
N PHE B 64 -1.16 -33.37 4.42
CA PHE B 64 -1.18 -33.52 2.97
C PHE B 64 -0.13 -34.50 2.46
N ASN B 65 1.04 -34.51 3.08
CA ASN B 65 2.05 -35.48 2.69
C ASN B 65 1.65 -36.91 3.03
N ASP B 66 0.95 -37.10 4.16
CA ASP B 66 0.48 -38.43 4.54
C ASP B 66 -0.51 -38.97 3.51
N LYS B 67 -1.15 -38.08 2.76
CA LYS B 67 -2.09 -38.49 1.73
C LYS B 67 -1.45 -38.47 0.34
N GLY B 68 -0.13 -38.39 0.31
CA GLY B 68 0.61 -38.56 -0.92
C GLY B 68 1.08 -37.27 -1.55
N GLY B 69 0.95 -36.16 -0.83
CA GLY B 69 1.44 -34.89 -1.32
C GLY B 69 0.73 -34.45 -2.59
N VAL B 70 1.50 -34.11 -3.61
CA VAL B 70 0.94 -33.72 -4.89
C VAL B 70 1.02 -34.89 -5.85
N ASN B 71 -0.05 -35.67 -5.90
CA ASN B 71 -0.12 -36.85 -6.76
C ASN B 71 1.10 -37.76 -6.63
N GLY B 72 1.60 -37.92 -5.42
CA GLY B 72 2.75 -38.77 -5.16
C GLY B 72 4.02 -38.02 -4.79
N THR B 73 4.09 -36.75 -5.18
CA THR B 73 5.28 -35.94 -4.88
C THR B 73 5.06 -35.16 -3.60
N PRO B 74 5.90 -35.38 -2.58
CA PRO B 74 5.68 -34.65 -1.33
C PRO B 74 5.94 -33.16 -1.49
N ILE B 75 5.25 -32.35 -0.68
CA ILE B 75 5.61 -30.94 -0.57
C ILE B 75 6.67 -30.80 0.52
N LYS B 76 7.38 -29.68 0.47
CA LYS B 76 8.31 -29.31 1.53
CA LYS B 76 8.31 -29.31 1.53
C LYS B 76 8.08 -27.85 1.90
N LEU B 77 7.66 -27.61 3.13
CA LEU B 77 7.50 -26.24 3.58
C LEU B 77 8.86 -25.69 3.96
N ILE B 78 9.18 -24.51 3.42
CA ILE B 78 10.41 -23.84 3.76
C ILE B 78 10.07 -22.57 4.53
N PHE B 79 10.45 -22.54 5.81
CA PHE B 79 10.14 -21.40 6.67
C PHE B 79 11.24 -20.35 6.66
N GLN B 80 10.85 -19.10 6.43
CA GLN B 80 11.75 -17.97 6.59
C GLN B 80 11.06 -16.92 7.44
N ASP B 81 11.59 -16.72 8.64
CA ASP B 81 11.07 -15.75 9.60
C ASP B 81 11.13 -14.35 9.01
N THR B 82 10.01 -13.62 9.10
CA THR B 82 9.92 -12.24 8.64
C THR B 82 10.31 -11.24 9.73
N ALA B 83 10.41 -11.71 10.97
CA ALA B 83 10.41 -10.82 12.13
C ALA B 83 9.18 -9.89 12.08
N GLY B 84 9.26 -8.70 12.69
CA GLY B 84 8.07 -7.90 12.87
C GLY B 84 7.90 -6.64 12.03
N ASP B 85 8.80 -6.42 11.08
CA ASP B 85 8.75 -5.20 10.28
C ASP B 85 8.72 -5.48 8.78
N GLU B 86 8.76 -4.41 7.99
CA GLU B 86 8.69 -4.55 6.54
C GLU B 86 9.99 -5.11 5.96
N ALA B 87 11.12 -4.57 6.42
CA ALA B 87 12.41 -4.99 5.88
C ALA B 87 12.64 -6.48 6.06
N GLY B 88 12.24 -7.00 7.22
CA GLY B 88 12.40 -8.42 7.48
C GLY B 88 11.54 -9.28 6.57
N THR B 89 10.36 -8.77 6.22
CA THR B 89 9.44 -9.49 5.35
C THR B 89 9.97 -9.48 3.91
N ILE B 90 10.44 -8.33 3.46
CA ILE B 90 11.07 -8.22 2.14
C ILE B 90 12.24 -9.21 2.03
N ASN B 91 13.09 -9.25 3.06
CA ASN B 91 14.23 -10.17 3.06
C ASN B 91 13.78 -11.62 3.00
N ALA B 92 12.77 -11.96 3.79
CA ALA B 92 12.24 -13.32 3.80
C ALA B 92 11.67 -13.71 2.42
N PHE B 93 10.88 -12.82 1.83
CA PHE B 93 10.32 -13.07 0.49
C PHE B 93 11.43 -13.28 -0.54
N GLN B 94 12.42 -12.41 -0.54
CA GLN B 94 13.47 -12.49 -1.54
C GLN B 94 14.29 -13.76 -1.37
N THR B 95 14.50 -14.17 -0.13
CA THR B 95 15.22 -15.41 0.13
C THR B 95 14.43 -16.61 -0.38
N LEU B 96 13.13 -16.63 -0.07
CA LEU B 96 12.26 -17.72 -0.51
C LEU B 96 12.21 -17.80 -2.03
N ILE B 97 12.11 -16.66 -2.68
CA ILE B 97 11.96 -16.61 -4.14
C ILE B 97 13.25 -16.98 -4.85
N ASN B 98 14.36 -16.40 -4.40
CA ASN B 98 15.63 -16.54 -5.09
C ASN B 98 16.49 -17.72 -4.64
N LYS B 99 16.67 -17.88 -3.33
CA LYS B 99 17.51 -18.96 -2.84
C LYS B 99 16.73 -20.27 -2.75
N ASP B 100 15.54 -20.21 -2.17
CA ASP B 100 14.77 -21.42 -1.91
C ASP B 100 13.92 -21.87 -3.10
N LYS B 101 13.82 -21.01 -4.11
CA LYS B 101 13.14 -21.35 -5.37
C LYS B 101 11.70 -21.85 -5.15
N VAL B 102 10.96 -21.23 -4.24
CA VAL B 102 9.64 -21.75 -3.91
C VAL B 102 8.64 -21.55 -5.05
N VAL B 103 7.64 -22.42 -5.13
CA VAL B 103 6.61 -22.28 -6.16
C VAL B 103 5.56 -21.22 -5.79
N GLY B 104 5.50 -20.87 -4.51
CA GLY B 104 4.55 -19.89 -4.01
C GLY B 104 4.82 -19.64 -2.54
N ILE B 105 4.22 -18.58 -1.99
CA ILE B 105 4.46 -18.17 -0.61
C ILE B 105 3.15 -18.12 0.16
N VAL B 106 3.17 -18.61 1.40
CA VAL B 106 2.12 -18.34 2.36
C VAL B 106 2.65 -17.31 3.34
N GLY B 107 1.98 -16.17 3.43
CA GLY B 107 2.42 -15.10 4.31
C GLY B 107 2.04 -13.74 3.75
N PRO B 108 2.45 -12.66 4.41
CA PRO B 108 3.10 -12.66 5.72
C PRO B 108 2.04 -12.60 6.82
N THR B 109 2.45 -12.41 8.06
CA THR B 109 1.50 -12.36 9.16
C THR B 109 0.65 -11.10 9.14
N LEU B 110 1.26 -9.95 8.86
CA LEU B 110 0.57 -8.65 8.98
C LEU B 110 0.32 -7.98 7.64
N SER B 111 -0.84 -7.34 7.51
CA SER B 111 -1.11 -6.50 6.35
C SER B 111 -0.06 -5.39 6.23
N GLN B 112 0.37 -4.84 7.35
CA GLN B 112 1.42 -3.82 7.36
C GLN B 112 2.64 -4.31 6.58
N GLN B 113 2.99 -5.58 6.78
CA GLN B 113 4.12 -6.16 6.09
C GLN B 113 3.79 -6.51 4.63
N ALA B 114 2.58 -6.99 4.40
CA ALA B 114 2.13 -7.35 3.04
C ALA B 114 2.15 -6.18 2.06
N PHE B 115 1.72 -5.01 2.49
CA PHE B 115 1.71 -3.85 1.58
C PHE B 115 3.11 -3.48 1.07
N SER B 116 4.15 -3.77 1.86
CA SER B 116 5.53 -3.52 1.42
C SER B 116 6.14 -4.69 0.66
N ALA B 117 5.91 -5.90 1.13
CA ALA B 117 6.60 -7.06 0.58
C ALA B 117 5.87 -7.74 -0.56
N ASN B 118 4.55 -7.80 -0.50
CA ASN B 118 3.81 -8.48 -1.57
C ASN B 118 4.10 -7.95 -2.98
N PRO B 119 4.34 -6.62 -3.13
CA PRO B 119 4.70 -6.19 -4.49
C PRO B 119 6.00 -6.79 -5.02
N ILE B 120 6.90 -7.21 -4.15
CA ILE B 120 8.11 -7.89 -4.58
C ILE B 120 7.75 -9.21 -5.27
N ALA B 121 6.82 -9.95 -4.67
CA ALA B 121 6.39 -11.22 -5.24
C ALA B 121 5.55 -11.01 -6.50
N GLU B 122 4.69 -10.00 -6.47
CA GLU B 122 3.93 -9.62 -7.67
C GLU B 122 4.85 -9.34 -8.86
N ARG B 123 5.90 -8.56 -8.63
CA ARG B 123 6.83 -8.19 -9.70
C ARG B 123 7.59 -9.41 -10.22
N ALA B 124 7.89 -10.34 -9.30
CA ALA B 124 8.63 -11.57 -9.62
C ALA B 124 7.72 -12.66 -10.19
N LYS B 125 6.42 -12.40 -10.21
CA LYS B 125 5.42 -13.36 -10.66
C LYS B 125 5.45 -14.66 -9.84
N VAL B 126 5.39 -14.49 -8.52
CA VAL B 126 5.36 -15.59 -7.58
C VAL B 126 4.06 -15.47 -6.78
N PRO B 127 3.22 -16.52 -6.76
CA PRO B 127 1.97 -16.36 -6.01
C PRO B 127 2.21 -16.18 -4.50
N VAL B 128 1.35 -15.36 -3.90
CA VAL B 128 1.29 -15.20 -2.45
C VAL B 128 -0.14 -15.46 -2.03
N VAL B 129 -0.31 -16.28 -0.99
CA VAL B 129 -1.62 -16.47 -0.38
C VAL B 129 -1.53 -15.99 1.05
N GLY B 130 -2.22 -14.89 1.35
CA GLY B 130 -2.21 -14.33 2.69
C GLY B 130 -3.05 -15.14 3.65
N PRO B 131 -2.47 -15.52 4.81
CA PRO B 131 -3.22 -16.32 5.79
C PRO B 131 -3.93 -15.51 6.86
N SER B 132 -3.67 -14.21 6.92
CA SER B 132 -4.11 -13.39 8.05
C SER B 132 -3.98 -11.92 7.73
N ASN B 133 -4.17 -11.58 6.46
CA ASN B 133 -4.06 -10.19 6.06
C ASN B 133 -5.46 -9.70 5.71
N THR B 134 -6.08 -8.99 6.64
CA THR B 134 -7.50 -8.69 6.53
C THR B 134 -7.81 -7.23 6.23
N ALA B 135 -6.76 -6.44 6.03
CA ALA B 135 -6.93 -5.02 5.72
C ALA B 135 -7.54 -4.82 4.32
N LYS B 136 -8.27 -3.73 4.16
CA LYS B 136 -8.74 -3.32 2.84
C LYS B 136 -7.56 -3.18 1.87
N GLY B 137 -7.69 -3.75 0.68
CA GLY B 137 -6.72 -3.52 -0.38
C GLY B 137 -5.69 -4.61 -0.64
N ILE B 138 -5.70 -5.67 0.16
CA ILE B 138 -4.70 -6.73 0.02
C ILE B 138 -4.76 -7.45 -1.35
N PRO B 139 -5.94 -7.98 -1.75
CA PRO B 139 -5.96 -8.65 -3.06
C PRO B 139 -5.67 -7.68 -4.20
N GLU B 140 -5.97 -6.41 -3.98
CA GLU B 140 -5.76 -5.38 -5.00
C GLU B 140 -4.28 -5.06 -5.23
N ILE B 141 -3.40 -5.61 -4.40
CA ILE B 141 -1.96 -5.43 -4.60
C ILE B 141 -1.52 -5.94 -5.97
N GLY B 142 -2.14 -7.02 -6.43
CA GLY B 142 -1.82 -7.50 -7.76
C GLY B 142 -2.41 -8.84 -8.12
N ASP B 143 -2.10 -9.29 -9.33
CA ASP B 143 -2.68 -10.50 -9.90
C ASP B 143 -2.15 -11.77 -9.24
N TYR B 144 -1.07 -11.64 -8.49
CA TYR B 144 -0.44 -12.78 -7.82
C TYR B 144 -0.72 -12.82 -6.32
N VAL B 145 -1.55 -11.89 -5.84
CA VAL B 145 -1.85 -11.83 -4.42
C VAL B 145 -3.30 -12.24 -4.15
N ALA B 146 -3.46 -13.33 -3.41
CA ALA B 146 -4.78 -13.77 -2.96
C ALA B 146 -4.75 -13.91 -1.44
N ARG B 147 -5.91 -14.07 -0.81
CA ARG B 147 -5.92 -14.33 0.63
C ARG B 147 -7.00 -15.32 1.00
N VAL B 148 -6.75 -16.12 2.03
CA VAL B 148 -7.80 -16.99 2.56
C VAL B 148 -8.41 -16.40 3.82
N SER B 149 -7.88 -15.26 4.27
CA SER B 149 -8.33 -14.66 5.52
C SER B 149 -9.41 -13.61 5.23
N ALA B 150 -10.65 -13.88 5.66
CA ALA B 150 -11.75 -12.95 5.39
C ALA B 150 -11.47 -11.55 5.96
N PRO B 151 -11.80 -10.51 5.19
CA PRO B 151 -11.38 -9.15 5.54
C PRO B 151 -12.17 -8.51 6.67
N VAL B 152 -11.64 -7.41 7.21
CA VAL B 152 -12.28 -6.71 8.31
C VAL B 152 -13.72 -6.29 8.00
N SER B 153 -13.99 -5.93 6.74
CA SER B 153 -15.31 -5.45 6.37
C SER B 153 -16.39 -6.51 6.57
N VAL B 154 -16.03 -7.79 6.49
CA VAL B 154 -17.02 -8.83 6.71
CA VAL B 154 -16.97 -8.88 6.68
C VAL B 154 -16.98 -9.41 8.11
N VAL B 155 -15.80 -9.45 8.72
CA VAL B 155 -15.63 -10.09 10.02
C VAL B 155 -16.00 -9.20 11.21
N ALA B 156 -15.46 -8.00 11.23
CA ALA B 156 -15.59 -7.11 12.39
C ALA B 156 -17.03 -6.74 12.81
N PRO B 157 -17.94 -6.47 11.84
CA PRO B 157 -19.26 -6.05 12.30
C PRO B 157 -19.97 -7.10 13.16
N ASN B 158 -19.61 -8.37 12.98
CA ASN B 158 -20.22 -9.46 13.73
C ASN B 158 -20.10 -9.28 15.25
N SER B 159 -18.94 -8.83 15.70
CA SER B 159 -18.73 -8.72 17.14
C SER B 159 -19.53 -7.57 17.74
N VAL B 160 -19.69 -6.49 16.97
CA VAL B 160 -20.53 -5.39 17.42
C VAL B 160 -21.97 -5.88 17.58
N LYS B 161 -22.47 -6.61 16.59
CA LYS B 161 -23.81 -7.13 16.63
C LYS B 161 -23.98 -8.09 17.80
N ALA B 162 -22.95 -8.88 18.08
CA ALA B 162 -23.01 -9.83 19.18
C ALA B 162 -23.03 -9.12 20.54
N ALA B 163 -22.29 -8.02 20.65
CA ALA B 163 -22.26 -7.27 21.90
C ALA B 163 -23.64 -6.66 22.18
N LEU B 164 -24.28 -6.15 21.13
CA LEU B 164 -25.61 -5.58 21.25
C LEU B 164 -26.66 -6.61 21.61
N LYS B 165 -26.52 -7.83 21.09
CA LYS B 165 -27.42 -8.91 21.45
C LYS B 165 -27.26 -9.29 22.92
N GLN B 166 -26.02 -9.29 23.40
CA GLN B 166 -25.75 -9.63 24.81
C GLN B 166 -26.24 -8.54 25.75
N ASN B 167 -26.09 -7.29 25.35
CA ASN B 167 -26.55 -6.17 26.17
C ASN B 167 -27.20 -5.09 25.31
N PRO B 168 -28.51 -5.18 25.14
CA PRO B 168 -29.27 -4.20 24.35
C PRO B 168 -29.20 -2.79 24.91
N ASN B 169 -28.76 -2.62 26.16
CA ASN B 169 -28.62 -1.30 26.74
C ASN B 169 -27.39 -0.52 26.26
N ILE B 170 -26.53 -1.16 25.47
CA ILE B 170 -25.35 -0.46 24.97
C ILE B 170 -25.77 0.72 24.08
N LYS B 171 -25.29 1.91 24.42
CA LYS B 171 -25.56 3.11 23.63
C LYS B 171 -24.28 3.87 23.31
N LYS B 172 -23.33 3.86 24.23
CA LYS B 172 -22.10 4.64 24.08
C LYS B 172 -20.88 3.75 23.84
N VAL B 173 -20.13 4.05 22.80
CA VAL B 173 -18.98 3.23 22.41
C VAL B 173 -17.69 4.05 22.32
N ALA B 174 -16.63 3.57 22.98
CA ALA B 174 -15.31 4.17 22.87
C ALA B 174 -14.45 3.25 22.02
N VAL B 175 -13.69 3.83 21.09
CA VAL B 175 -12.92 3.06 20.14
C VAL B 175 -11.44 3.40 20.23
N PHE B 176 -10.59 2.37 20.23
CA PHE B 176 -9.14 2.54 20.30
C PHE B 176 -8.50 1.87 19.09
N PHE B 177 -7.48 2.48 18.52
CA PHE B 177 -6.73 1.81 17.45
C PHE B 177 -5.25 2.14 17.41
N ALA B 178 -4.49 1.19 16.89
CA ALA B 178 -3.05 1.36 16.70
C ALA B 178 -2.76 2.10 15.40
N GLN B 179 -2.36 3.36 15.52
CA GLN B 179 -2.23 4.23 14.36
C GLN B 179 -1.04 3.90 13.46
N ASN B 180 -0.10 3.09 13.95
CA ASN B 180 1.08 2.76 13.15
C ASN B 180 0.92 1.46 12.35
N ASP B 181 -0.24 0.81 12.48
CA ASP B 181 -0.44 -0.51 11.87
C ASP B 181 -1.56 -0.47 10.82
N ALA B 182 -1.25 -0.93 9.61
CA ALA B 182 -2.20 -0.82 8.49
C ALA B 182 -3.51 -1.56 8.75
N PHE B 183 -3.42 -2.77 9.30
CA PHE B 183 -4.62 -3.52 9.61
C PHE B 183 -5.47 -2.80 10.65
N SER B 184 -4.83 -2.30 11.69
CA SER B 184 -5.56 -1.66 12.78
C SER B 184 -6.34 -0.45 12.30
N LYS B 185 -5.73 0.33 11.41
CA LYS B 185 -6.42 1.49 10.84
C LYS B 185 -7.57 1.08 9.95
N SER B 186 -7.37 0.01 9.18
CA SER B 186 -8.42 -0.49 8.31
C SER B 186 -9.58 -1.04 9.16
N GLU B 187 -9.25 -1.82 10.19
CA GLU B 187 -10.26 -2.41 11.04
C GLU B 187 -11.06 -1.37 11.80
N THR B 188 -10.37 -0.36 12.36
CA THR B 188 -11.07 0.66 13.14
C THR B 188 -12.09 1.44 12.28
N GLU B 189 -11.81 1.61 11.00
CA GLU B 189 -12.75 2.32 10.14
C GLU B 189 -14.05 1.53 10.03
N ILE B 190 -13.94 0.20 9.96
CA ILE B 190 -15.11 -0.67 9.90
C ILE B 190 -15.85 -0.66 11.25
N PHE B 191 -15.12 -0.78 12.35
CA PHE B 191 -15.77 -0.73 13.65
C PHE B 191 -16.51 0.60 13.85
N GLN B 192 -15.85 1.69 13.49
CA GLN B 192 -16.46 3.01 13.65
C GLN B 192 -17.71 3.17 12.79
N GLN B 193 -17.63 2.74 11.54
CA GLN B 193 -18.79 2.85 10.66
C GLN B 193 -19.92 1.96 11.14
N THR B 194 -19.56 0.80 11.71
CA THR B 194 -20.56 -0.14 12.22
C THR B 194 -21.28 0.45 13.42
N VAL B 195 -20.52 1.06 14.33
CA VAL B 195 -21.10 1.75 15.48
C VAL B 195 -22.09 2.83 14.99
N LYS B 196 -21.66 3.61 14.01
CA LYS B 196 -22.52 4.66 13.47
C LYS B 196 -23.75 4.09 12.77
N ASP B 197 -23.55 3.09 11.92
CA ASP B 197 -24.64 2.52 11.13
C ASP B 197 -25.68 1.85 12.02
N GLN B 198 -25.23 1.29 13.14
CA GLN B 198 -26.13 0.66 14.09
C GLN B 198 -26.95 1.70 14.86
N GLY B 199 -26.49 2.94 14.87
CA GLY B 199 -27.18 4.01 15.57
C GLY B 199 -26.68 4.28 16.97
N LEU B 200 -25.46 3.82 17.25
CA LEU B 200 -24.84 4.02 18.55
C LEU B 200 -24.04 5.32 18.57
N GLU B 201 -23.66 5.77 19.76
CA GLU B 201 -22.86 6.98 19.89
C GLU B 201 -21.38 6.64 19.92
N LEU B 202 -20.61 7.31 19.08
CA LEU B 202 -19.15 7.16 19.06
C LEU B 202 -18.58 8.24 19.98
N VAL B 203 -18.43 7.91 21.26
CA VAL B 203 -18.09 8.93 22.25
C VAL B 203 -16.64 9.39 22.18
N THR B 204 -15.75 8.53 21.69
CA THR B 204 -14.37 8.94 21.48
C THR B 204 -13.63 7.95 20.61
N VAL B 205 -12.61 8.45 19.91
CA VAL B 205 -11.67 7.60 19.21
C VAL B 205 -10.29 7.93 19.74
N GLN B 206 -9.65 6.94 20.35
CA GLN B 206 -8.32 7.11 20.96
C GLN B 206 -7.27 6.35 20.15
N LYS B 207 -6.10 6.96 19.97
CA LYS B 207 -5.02 6.31 19.22
CA LYS B 207 -5.03 6.31 19.22
C LYS B 207 -3.90 5.87 20.15
N PHE B 208 -3.18 4.84 19.72
CA PHE B 208 -1.97 4.37 20.40
C PHE B 208 -1.05 3.77 19.35
N GLN B 209 0.13 3.33 19.77
CA GLN B 209 1.07 2.65 18.87
C GLN B 209 1.26 1.23 19.37
N THR B 210 1.51 0.29 18.46
CA THR B 210 1.68 -1.11 18.86
C THR B 210 2.86 -1.30 19.80
N THR B 211 3.80 -0.34 19.78
CA THR B 211 5.00 -0.41 20.61
C THR B 211 4.79 0.19 22.00
N ASP B 212 3.65 0.85 22.21
CA ASP B 212 3.38 1.50 23.50
C ASP B 212 3.21 0.47 24.62
N THR B 213 3.58 0.85 25.84
CA THR B 213 3.32 0.00 27.00
C THR B 213 2.44 0.69 28.03
N ASP B 214 2.28 2.01 27.90
CA ASP B 214 1.48 2.83 28.83
C ASP B 214 0.27 3.37 28.07
N PHE B 215 -0.93 3.03 28.53
CA PHE B 215 -2.18 3.47 27.90
C PHE B 215 -3.05 4.25 28.89
N GLN B 216 -2.45 4.73 29.97
CA GLN B 216 -3.21 5.38 31.03
C GLN B 216 -4.03 6.58 30.57
N SER B 217 -3.42 7.49 29.83
CA SER B 217 -4.15 8.69 29.41
C SER B 217 -5.33 8.37 28.49
N GLN B 218 -5.12 7.52 27.48
CA GLN B 218 -6.21 7.15 26.58
C GLN B 218 -7.34 6.39 27.30
N ALA B 219 -6.96 5.47 28.18
CA ALA B 219 -7.96 4.71 28.94
C ALA B 219 -8.78 5.62 29.83
N THR B 220 -8.12 6.56 30.49
CA THR B 220 -8.82 7.52 31.34
C THR B 220 -9.75 8.42 30.54
N ASN B 221 -9.32 8.89 29.37
CA ASN B 221 -10.16 9.71 28.51
C ASN B 221 -11.46 8.98 28.16
N ALA B 222 -11.33 7.70 27.83
CA ALA B 222 -12.50 6.91 27.46
C ALA B 222 -13.40 6.65 28.67
N ILE B 223 -12.80 6.20 29.76
CA ILE B 223 -13.52 5.90 30.98
C ILE B 223 -14.39 7.05 31.50
N ASN B 224 -13.88 8.28 31.41
CA ASN B 224 -14.61 9.43 31.90
C ASN B 224 -15.84 9.78 31.08
N LEU B 225 -15.94 9.19 29.89
CA LEU B 225 -17.12 9.35 29.05
C LEU B 225 -18.18 8.29 29.34
N LYS B 226 -17.86 7.39 30.26
CA LYS B 226 -18.76 6.32 30.66
C LYS B 226 -19.32 5.49 29.50
N PRO B 227 -18.44 4.90 28.68
CA PRO B 227 -18.96 4.08 27.59
C PRO B 227 -19.56 2.77 28.08
N ASP B 228 -20.44 2.20 27.27
CA ASP B 228 -21.05 0.90 27.56
C ASP B 228 -20.26 -0.20 26.86
N LEU B 229 -19.50 0.20 25.86
CA LEU B 229 -18.74 -0.73 25.04
C LEU B 229 -17.42 -0.08 24.65
N VAL B 230 -16.34 -0.86 24.71
CA VAL B 230 -15.04 -0.42 24.23
C VAL B 230 -14.58 -1.39 23.14
N ILE B 231 -14.06 -0.84 22.04
CA ILE B 231 -13.57 -1.65 20.92
C ILE B 231 -12.11 -1.34 20.71
N ILE B 232 -11.28 -2.38 20.62
CA ILE B 232 -9.84 -2.23 20.49
C ILE B 232 -9.31 -2.88 19.21
N SER B 233 -8.70 -2.08 18.35
CA SER B 233 -7.99 -2.58 17.18
C SER B 233 -6.50 -2.39 17.34
N GLY B 234 -5.81 -3.46 17.71
CA GLY B 234 -4.36 -3.44 17.77
C GLY B 234 -3.88 -4.86 17.55
N LEU B 235 -2.66 -5.14 17.97
CA LEU B 235 -2.16 -6.50 17.91
C LEU B 235 -2.22 -7.12 19.32
N ALA B 236 -1.53 -8.23 19.55
CA ALA B 236 -1.80 -9.02 20.75
C ALA B 236 -1.19 -8.47 22.03
N ALA B 237 0.11 -8.18 21.98
CA ALA B 237 0.81 -7.69 23.18
C ALA B 237 0.25 -6.31 23.59
N ASP B 238 0.13 -5.42 22.61
CA ASP B 238 -0.43 -4.10 22.88
C ASP B 238 -1.92 -4.16 23.24
N GLY B 239 -2.70 -4.87 22.44
CA GLY B 239 -4.13 -4.98 22.71
C GLY B 239 -4.44 -5.60 24.06
N GLY B 240 -3.73 -6.66 24.42
CA GLY B 240 -3.96 -7.33 25.69
C GLY B 240 -3.62 -6.41 26.85
N ASN B 241 -2.54 -5.65 26.71
CA ASN B 241 -2.16 -4.75 27.80
C ASN B 241 -3.12 -3.56 27.93
N LEU B 242 -3.71 -3.15 26.82
CA LEU B 242 -4.73 -2.10 26.87
C LEU B 242 -5.99 -2.61 27.59
N VAL B 243 -6.43 -3.83 27.27
CA VAL B 243 -7.52 -4.47 28.02
C VAL B 243 -7.23 -4.47 29.52
N ARG B 244 -6.03 -4.91 29.86
CA ARG B 244 -5.60 -4.99 31.25
CA ARG B 244 -5.59 -4.99 31.24
C ARG B 244 -5.68 -3.62 31.92
N GLN B 245 -5.12 -2.61 31.28
CA GLN B 245 -5.10 -1.27 31.89
C GLN B 245 -6.48 -0.61 31.99
N LEU B 246 -7.34 -0.86 31.00
CA LEU B 246 -8.73 -0.42 31.11
C LEU B 246 -9.42 -1.03 32.33
N ARG B 247 -9.28 -2.33 32.51
CA ARG B 247 -9.91 -3.01 33.64
C ARG B 247 -9.34 -2.51 34.97
N GLU B 248 -8.02 -2.32 35.01
CA GLU B 248 -7.34 -1.86 36.22
C GLU B 248 -7.81 -0.46 36.63
N LEU B 249 -8.17 0.34 35.63
CA LEU B 249 -8.65 1.70 35.87
C LEU B 249 -10.15 1.72 36.14
N GLY B 250 -10.77 0.55 36.19
CA GLY B 250 -12.13 0.46 36.69
C GLY B 250 -13.22 0.33 35.65
N TYR B 251 -12.85 0.20 34.38
CA TYR B 251 -13.85 0.03 33.35
C TYR B 251 -14.50 -1.34 33.47
N GLN B 252 -15.82 -1.37 33.59
CA GLN B 252 -16.55 -2.61 33.83
C GLN B 252 -17.46 -3.02 32.68
N GLY B 253 -17.47 -2.23 31.62
CA GLY B 253 -18.37 -2.50 30.49
C GLY B 253 -17.87 -3.57 29.54
N ALA B 254 -18.57 -3.74 28.42
CA ALA B 254 -18.19 -4.74 27.43
C ALA B 254 -16.95 -4.32 26.67
N ILE B 255 -16.19 -5.30 26.20
CA ILE B 255 -15.00 -5.06 25.37
C ILE B 255 -15.02 -5.98 24.16
N ILE B 256 -14.79 -5.40 22.99
CA ILE B 256 -14.55 -6.18 21.76
C ILE B 256 -13.08 -6.03 21.40
N GLY B 257 -12.42 -7.16 21.12
CA GLY B 257 -11.10 -7.14 20.53
C GLY B 257 -11.22 -7.45 19.04
N GLY B 258 -10.43 -6.74 18.23
CA GLY B 258 -10.35 -7.06 16.81
C GLY B 258 -9.45 -8.25 16.53
N ASN B 259 -9.20 -8.49 15.25
CA ASN B 259 -8.48 -9.69 14.80
C ASN B 259 -7.06 -9.82 15.36
N GLY B 260 -6.42 -8.68 15.65
CA GLY B 260 -5.07 -8.68 16.18
C GLY B 260 -4.97 -9.20 17.60
N LEU B 261 -6.10 -9.29 18.30
CA LEU B 261 -6.11 -9.85 19.66
C LEU B 261 -6.58 -11.30 19.64
N ASN B 262 -6.85 -11.82 18.44
CA ASN B 262 -7.49 -13.13 18.31
C ASN B 262 -6.52 -14.30 18.42
N THR B 263 -5.87 -14.41 19.57
CA THR B 263 -4.96 -15.50 19.84
C THR B 263 -5.01 -15.84 21.33
N SER B 264 -4.92 -17.12 21.66
CA SER B 264 -4.92 -17.52 23.05
C SER B 264 -3.69 -16.97 23.78
N ASN B 265 -2.69 -16.53 23.01
CA ASN B 265 -1.53 -15.90 23.64
C ASN B 265 -1.90 -14.59 24.35
N VAL B 266 -3.02 -13.99 23.96
CA VAL B 266 -3.51 -12.82 24.66
C VAL B 266 -3.92 -13.16 26.11
N PHE B 267 -4.28 -14.43 26.37
CA PHE B 267 -4.72 -14.84 27.71
C PHE B 267 -3.58 -14.62 28.72
N ALA B 268 -2.35 -14.83 28.26
CA ALA B 268 -1.18 -14.71 29.12
C ALA B 268 -0.79 -13.25 29.34
N VAL B 269 -1.42 -12.34 28.61
CA VAL B 269 -1.19 -10.92 28.80
C VAL B 269 -2.19 -10.32 29.79
N CYS B 270 -3.49 -10.43 29.49
CA CYS B 270 -4.49 -9.82 30.37
C CYS B 270 -4.92 -10.70 31.55
N LYS B 271 -4.55 -11.98 31.53
CA LYS B 271 -4.88 -12.90 32.64
C LYS B 271 -6.39 -12.94 32.87
N ALA B 272 -6.85 -12.90 34.12
CA ALA B 272 -8.29 -12.95 34.38
C ALA B 272 -9.03 -11.75 33.80
N LEU B 273 -8.29 -10.66 33.57
CA LEU B 273 -8.91 -9.44 33.05
C LEU B 273 -9.32 -9.53 31.58
N CYS B 274 -8.89 -10.60 30.90
CA CYS B 274 -9.33 -10.94 29.54
C CYS B 274 -10.79 -11.39 29.53
N ASP B 275 -11.29 -11.81 30.68
CA ASP B 275 -12.58 -12.48 30.73
C ASP B 275 -13.71 -11.64 30.14
N GLY B 276 -14.44 -12.22 29.18
CA GLY B 276 -15.61 -11.58 28.62
C GLY B 276 -15.37 -10.82 27.32
N VAL B 277 -14.11 -10.65 26.95
CA VAL B 277 -13.80 -9.98 25.69
C VAL B 277 -14.39 -10.75 24.52
N LEU B 278 -15.07 -10.03 23.64
CA LEU B 278 -15.69 -10.60 22.44
C LEU B 278 -14.79 -10.40 21.24
N ILE B 279 -14.57 -11.47 20.48
CA ILE B 279 -13.74 -11.41 19.28
C ILE B 279 -14.40 -12.20 18.14
N ALA B 280 -14.62 -11.53 17.01
CA ALA B 280 -15.18 -12.17 15.82
C ALA B 280 -14.26 -13.27 15.28
N GLN B 281 -14.86 -14.27 14.64
CA GLN B 281 -14.11 -15.46 14.20
C GLN B 281 -14.46 -15.84 12.76
N ALA B 282 -13.45 -16.23 11.99
CA ALA B 282 -13.66 -16.72 10.63
C ALA B 282 -13.46 -18.23 10.56
N TYR B 283 -13.57 -18.88 11.71
CA TYR B 283 -13.35 -20.33 11.85
C TYR B 283 -14.05 -20.82 13.11
N SER B 284 -14.57 -22.04 13.09
CA SER B 284 -15.07 -22.67 14.32
C SER B 284 -14.56 -24.10 14.44
N PRO B 285 -13.97 -24.45 15.60
CA PRO B 285 -13.51 -25.82 15.82
C PRO B 285 -14.64 -26.85 15.65
N GLU B 286 -15.88 -26.44 15.91
CA GLU B 286 -17.00 -27.35 15.85
C GLU B 286 -17.65 -27.49 14.48
N TYR B 287 -17.17 -26.73 13.50
CA TYR B 287 -17.61 -26.90 12.12
C TYR B 287 -17.39 -28.35 11.68
N THR B 288 -18.41 -28.95 11.07
CA THR B 288 -18.42 -30.40 10.88
C THR B 288 -17.82 -30.93 9.56
N GLY B 289 -17.22 -30.06 8.77
CA GLY B 289 -16.55 -30.49 7.54
C GLY B 289 -15.53 -31.58 7.88
N GLU B 290 -15.46 -32.61 7.06
CA GLU B 290 -14.59 -33.75 7.35
CA GLU B 290 -14.59 -33.74 7.37
C GLU B 290 -13.13 -33.34 7.49
N ILE B 291 -12.69 -32.37 6.68
CA ILE B 291 -11.30 -31.95 6.78
C ILE B 291 -11.07 -31.15 8.06
N ASN B 292 -12.11 -30.44 8.53
CA ASN B 292 -11.97 -29.77 9.80
C ASN B 292 -11.87 -30.77 10.94
N LYS B 293 -12.65 -31.84 10.85
CA LYS B 293 -12.57 -32.90 11.85
C LYS B 293 -11.16 -33.46 11.95
N ALA B 294 -10.53 -33.70 10.79
CA ALA B 294 -9.17 -34.22 10.74
C ALA B 294 -8.16 -33.20 11.23
N PHE B 295 -8.33 -31.94 10.82
CA PHE B 295 -7.46 -30.86 11.26
C PHE B 295 -7.58 -30.66 12.78
N ARG B 296 -8.81 -30.63 13.27
CA ARG B 296 -9.05 -30.43 14.70
C ARG B 296 -8.40 -31.54 15.51
N GLN B 297 -8.60 -32.79 15.08
CA GLN B 297 -8.06 -33.92 15.81
C GLN B 297 -6.54 -33.84 15.91
N ALA B 298 -5.90 -33.52 14.78
CA ALA B 298 -4.45 -33.37 14.74
C ALA B 298 -3.97 -32.26 15.68
N TYR B 299 -4.67 -31.13 15.65
CA TYR B 299 -4.30 -30.01 16.53
C TYR B 299 -4.47 -30.38 18.01
N VAL B 300 -5.63 -30.93 18.38
CA VAL B 300 -5.91 -31.24 19.77
C VAL B 300 -4.97 -32.30 20.32
N ASP B 301 -4.66 -33.29 19.47
CA ASP B 301 -3.75 -34.37 19.86
C ASP B 301 -2.39 -33.82 20.27
N GLN B 302 -1.94 -32.78 19.59
CA GLN B 302 -0.60 -32.24 19.81
C GLN B 302 -0.55 -31.13 20.85
N TYR B 303 -1.56 -30.26 20.87
CA TYR B 303 -1.50 -29.06 21.70
C TYR B 303 -2.47 -29.07 22.89
N LYS B 304 -3.35 -30.06 22.94
CA LYS B 304 -4.30 -30.23 24.04
C LYS B 304 -5.24 -29.05 24.23
N LYS B 305 -5.36 -28.21 23.20
CA LYS B 305 -6.32 -27.12 23.19
C LYS B 305 -7.04 -27.15 21.84
N GLU B 306 -8.20 -26.50 21.76
CA GLU B 306 -8.91 -26.36 20.49
C GLU B 306 -8.11 -25.52 19.49
N PRO B 307 -8.19 -25.86 18.19
CA PRO B 307 -7.46 -25.07 17.18
C PRO B 307 -7.98 -23.64 17.08
N PRO B 308 -7.06 -22.66 17.09
CA PRO B 308 -7.38 -21.25 16.92
C PRO B 308 -7.58 -20.88 15.44
N GLN B 309 -8.29 -19.78 15.21
CA GLN B 309 -8.54 -19.29 13.86
C GLN B 309 -7.28 -19.19 13.01
N PHE B 310 -6.21 -18.64 13.57
CA PHE B 310 -5.00 -18.43 12.78
C PHE B 310 -4.35 -19.74 12.35
N SER B 311 -4.46 -20.77 13.18
CA SER B 311 -3.93 -22.09 12.80
C SER B 311 -4.75 -22.68 11.64
N ALA B 312 -6.07 -22.55 11.73
CA ALA B 312 -6.97 -23.03 10.68
C ALA B 312 -6.75 -22.27 9.37
N GLN B 313 -6.58 -20.96 9.44
CA GLN B 313 -6.35 -20.19 8.22
C GLN B 313 -4.99 -20.51 7.57
N ALA B 314 -3.96 -20.75 8.38
CA ALA B 314 -2.67 -21.15 7.84
C ALA B 314 -2.76 -22.51 7.17
N PHE B 315 -3.47 -23.44 7.80
CA PHE B 315 -3.73 -24.74 7.19
C PHE B 315 -4.42 -24.57 5.84
N ALA B 316 -5.43 -23.72 5.80
CA ALA B 316 -6.21 -23.50 4.58
C ALA B 316 -5.34 -22.95 3.45
N ALA B 317 -4.41 -22.07 3.79
CA ALA B 317 -3.52 -21.50 2.77
C ALA B 317 -2.62 -22.60 2.17
N VAL B 318 -2.09 -23.46 3.03
CA VAL B 318 -1.29 -24.58 2.52
C VAL B 318 -2.17 -25.51 1.67
N GLN B 319 -3.37 -25.79 2.15
CA GLN B 319 -4.34 -26.62 1.40
C GLN B 319 -4.61 -26.07 0.01
N VAL B 320 -4.78 -24.75 -0.11
CA VAL B 320 -5.00 -24.14 -1.42
C VAL B 320 -3.85 -24.46 -2.37
N TYR B 321 -2.61 -24.33 -1.89
CA TYR B 321 -1.46 -24.67 -2.71
C TYR B 321 -1.41 -26.15 -3.06
N VAL B 322 -1.65 -27.02 -2.10
CA VAL B 322 -1.57 -28.45 -2.36
C VAL B 322 -2.61 -28.89 -3.39
N GLU B 323 -3.86 -28.48 -3.18
CA GLU B 323 -4.93 -28.91 -4.09
C GLU B 323 -4.81 -28.27 -5.46
N SER B 324 -4.30 -27.04 -5.52
CA SER B 324 -4.05 -26.40 -6.81
C SER B 324 -2.89 -27.08 -7.55
N LEU B 325 -1.85 -27.44 -6.81
CA LEU B 325 -0.74 -28.18 -7.41
C LEU B 325 -1.24 -29.53 -7.94
N LYS B 326 -2.08 -30.22 -7.17
CA LYS B 326 -2.64 -31.48 -7.65
C LYS B 326 -3.45 -31.27 -8.92
N ALA B 327 -4.27 -30.21 -8.93
CA ALA B 327 -5.14 -29.98 -10.08
C ALA B 327 -4.31 -29.62 -11.32
N LEU B 328 -3.32 -28.78 -11.13
CA LEU B 328 -2.43 -28.39 -12.22
C LEU B 328 -1.65 -29.59 -12.75
N ASP B 329 -1.09 -30.37 -11.84
CA ASP B 329 -0.30 -31.55 -12.18
C ASP B 329 -1.11 -32.60 -12.94
N THR B 330 -2.39 -32.73 -12.60
CA THR B 330 -3.27 -33.65 -13.31
C THR B 330 -3.39 -33.25 -14.79
N LYS B 331 -3.51 -31.96 -15.05
CA LYS B 331 -3.70 -31.47 -16.41
C LYS B 331 -2.39 -31.46 -17.20
N ASN B 332 -1.32 -31.03 -16.52
CA ASN B 332 0.01 -30.96 -17.10
CA ASN B 332 0.01 -30.98 -17.11
C ASN B 332 1.04 -31.22 -16.01
N LYS B 333 1.76 -32.33 -16.11
CA LYS B 333 2.71 -32.76 -15.09
CA LYS B 333 2.70 -32.75 -15.07
C LYS B 333 3.70 -31.64 -14.73
N VAL B 334 3.74 -31.28 -13.45
CA VAL B 334 4.57 -30.15 -13.03
C VAL B 334 6.07 -30.42 -13.14
N SER B 335 6.43 -31.69 -13.23
CA SER B 335 7.84 -32.04 -13.43
C SER B 335 8.35 -31.62 -14.82
N LYS B 336 7.43 -31.39 -15.74
CA LYS B 336 7.79 -31.01 -17.11
C LYS B 336 7.96 -29.52 -17.26
N ILE B 337 7.61 -28.77 -16.21
CA ILE B 337 7.49 -27.31 -16.28
C ILE B 337 8.66 -26.61 -15.57
N GLN B 338 9.19 -25.55 -16.18
CA GLN B 338 10.23 -24.76 -15.54
C GLN B 338 9.60 -23.87 -14.47
N LEU B 339 10.42 -23.43 -13.51
CA LEU B 339 9.92 -22.71 -12.34
C LEU B 339 9.10 -21.44 -12.62
N PRO B 340 9.56 -20.57 -13.54
CA PRO B 340 8.75 -19.36 -13.76
C PRO B 340 7.37 -19.67 -14.33
N GLU B 341 7.29 -20.64 -15.24
CA GLU B 341 5.98 -21.03 -15.77
C GLU B 341 5.13 -21.74 -14.72
N LEU B 342 5.77 -22.54 -13.87
CA LEU B 342 5.06 -23.24 -12.82
C LEU B 342 4.40 -22.24 -11.87
N ARG B 343 5.13 -21.19 -11.50
CA ARG B 343 4.61 -20.18 -10.62
C ARG B 343 3.39 -19.51 -11.23
N THR B 344 3.49 -19.15 -12.51
CA THR B 344 2.41 -18.47 -13.19
C THR B 344 1.20 -19.38 -13.38
N GLU B 345 1.42 -20.64 -13.75
CA GLU B 345 0.31 -21.57 -13.91
C GLU B 345 -0.33 -21.94 -12.58
N LEU B 346 0.48 -21.99 -11.53
CA LEU B 346 -0.03 -22.29 -10.19
C LEU B 346 -0.94 -21.16 -9.71
N ASN B 347 -0.50 -19.92 -9.94
CA ASN B 347 -1.29 -18.75 -9.59
C ASN B 347 -2.64 -18.76 -10.32
N LYS B 348 -2.60 -18.99 -11.63
CA LYS B 348 -3.82 -19.07 -12.44
C LYS B 348 -4.75 -20.17 -11.91
N GLN B 349 -4.20 -21.34 -11.65
CA GLN B 349 -4.99 -22.47 -11.15
C GLN B 349 -5.64 -22.19 -9.79
N LEU B 350 -4.87 -21.67 -8.83
CA LEU B 350 -5.40 -21.53 -7.49
C LEU B 350 -6.60 -20.59 -7.43
N LEU B 351 -6.59 -19.56 -8.27
CA LEU B 351 -7.70 -18.60 -8.31
C LEU B 351 -9.01 -19.25 -8.79
N THR B 352 -8.91 -20.36 -9.52
CA THR B 352 -10.10 -21.00 -10.07
C THR B 352 -10.68 -22.08 -9.17
N GLY B 353 -9.96 -22.43 -8.11
CA GLY B 353 -10.32 -23.59 -7.31
C GLY B 353 -11.43 -23.37 -6.30
N LYS B 354 -12.07 -24.47 -5.92
CA LYS B 354 -13.02 -24.49 -4.82
C LYS B 354 -12.45 -25.46 -3.80
N TYR B 355 -12.40 -25.05 -2.54
CA TYR B 355 -11.70 -25.82 -1.53
C TYR B 355 -12.57 -26.06 -0.31
N ASN B 356 -12.70 -27.32 0.11
CA ASN B 356 -13.36 -27.65 1.37
CA ASN B 356 -13.36 -27.58 1.38
C ASN B 356 -12.33 -27.65 2.49
N THR B 357 -12.21 -26.53 3.20
CA THR B 357 -11.15 -26.30 4.17
C THR B 357 -11.70 -26.34 5.60
N PRO B 358 -10.80 -26.23 6.60
CA PRO B 358 -11.31 -26.13 7.96
C PRO B 358 -12.18 -24.89 8.18
N LEU B 359 -12.01 -23.88 7.32
CA LEU B 359 -12.80 -22.64 7.37
C LEU B 359 -14.18 -22.81 6.74
N GLY B 360 -14.43 -23.97 6.16
CA GLY B 360 -15.63 -24.19 5.37
C GLY B 360 -15.28 -24.20 3.89
N GLU B 361 -16.31 -24.23 3.04
CA GLU B 361 -16.09 -24.16 1.60
C GLU B 361 -15.69 -22.76 1.19
N ILE B 362 -14.50 -22.63 0.59
CA ILE B 362 -14.07 -21.33 0.12
C ILE B 362 -13.65 -21.38 -1.33
N SER B 363 -13.57 -20.20 -1.93
CA SER B 363 -13.08 -20.03 -3.29
C SER B 363 -12.58 -18.60 -3.40
N PHE B 364 -12.23 -18.18 -4.61
CA PHE B 364 -11.71 -16.84 -4.82
C PHE B 364 -12.50 -16.13 -5.92
N THR B 365 -12.58 -14.80 -5.83
CA THR B 365 -12.98 -13.98 -6.97
C THR B 365 -11.72 -13.77 -7.81
N PRO B 366 -11.87 -13.30 -9.06
CA PRO B 366 -10.70 -13.15 -9.92
C PRO B 366 -9.61 -12.23 -9.36
N ILE B 367 -9.98 -11.28 -8.51
CA ILE B 367 -8.99 -10.36 -7.93
C ILE B 367 -8.23 -10.98 -6.75
N GLY B 368 -8.63 -12.19 -6.35
CA GLY B 368 -7.97 -12.88 -5.25
C GLY B 368 -8.60 -12.71 -3.88
N GLU B 369 -9.81 -12.16 -3.84
CA GLU B 369 -10.56 -12.05 -2.59
C GLU B 369 -11.18 -13.39 -2.21
N VAL B 370 -11.18 -13.70 -0.93
CA VAL B 370 -11.74 -14.96 -0.47
C VAL B 370 -13.27 -14.90 -0.46
N VAL B 371 -13.87 -16.02 -0.85
CA VAL B 371 -15.31 -16.19 -0.77
C VAL B 371 -15.58 -17.17 0.35
N GLN B 372 -16.27 -16.72 1.39
CA GLN B 372 -16.51 -17.52 2.59
C GLN B 372 -17.84 -17.11 3.19
N LYS B 373 -18.67 -18.08 3.55
CA LYS B 373 -20.03 -17.79 4.00
C LYS B 373 -20.19 -17.61 5.51
N ASP B 374 -19.52 -18.43 6.31
CA ASP B 374 -19.87 -18.54 7.72
C ASP B 374 -18.88 -17.87 8.67
N PHE B 375 -19.43 -17.08 9.59
CA PHE B 375 -18.63 -16.37 10.58
C PHE B 375 -19.25 -16.55 11.96
N TYR B 376 -18.45 -16.27 12.99
CA TYR B 376 -18.87 -16.52 14.35
C TYR B 376 -18.36 -15.41 15.24
N VAL B 377 -18.79 -15.44 16.50
CA VAL B 377 -18.19 -14.62 17.53
C VAL B 377 -17.92 -15.51 18.73
N ALA B 378 -16.74 -15.33 19.33
CA ALA B 378 -16.38 -16.06 20.53
C ALA B 378 -16.12 -15.08 21.66
N GLN B 379 -16.21 -15.60 22.88
CA GLN B 379 -16.03 -14.78 24.06
C GLN B 379 -14.98 -15.45 24.92
N ILE B 380 -13.99 -14.67 25.37
CA ILE B 380 -12.95 -15.24 26.22
C ILE B 380 -13.52 -15.63 27.57
N LYS B 381 -13.29 -16.87 27.96
CA LYS B 381 -13.65 -17.35 29.29
C LYS B 381 -12.38 -17.70 30.05
N GLU B 383 -10.27 -18.83 33.59
CA GLU B 383 -10.38 -19.42 34.92
C GLU B 383 -10.16 -18.31 35.93
N LYS B 384 -10.70 -18.50 37.14
CA LYS B 384 -10.66 -17.45 38.15
C LYS B 384 -9.25 -16.97 38.49
N ASP B 385 -8.29 -17.88 38.52
CA ASP B 385 -6.91 -17.52 38.85
C ASP B 385 -6.14 -16.93 37.65
N GLY B 386 -6.79 -16.87 36.50
CA GLY B 386 -6.21 -16.26 35.32
C GLY B 386 -5.16 -17.08 34.59
N SER B 387 -4.97 -18.33 35.01
CA SER B 387 -3.86 -19.15 34.50
C SER B 387 -4.14 -19.87 33.18
N GLN B 388 -5.41 -20.04 32.85
CA GLN B 388 -5.81 -20.67 31.60
C GLN B 388 -7.09 -20.02 31.13
N GLY B 389 -7.36 -20.10 29.83
CA GLY B 389 -8.61 -19.61 29.29
C GLY B 389 -8.97 -20.35 28.02
N LYS B 390 -10.14 -20.03 27.48
CA LYS B 390 -10.57 -20.59 26.20
C LYS B 390 -11.53 -19.63 25.53
N PHE B 391 -11.72 -19.82 24.23
CA PHE B 391 -12.71 -19.07 23.49
C PHE B 391 -14.00 -19.87 23.49
N THR B 392 -15.06 -19.27 24.01
CA THR B 392 -16.37 -19.89 24.00
C THR B 392 -17.19 -19.33 22.86
N PHE B 393 -17.62 -20.19 21.95
CA PHE B 393 -18.36 -19.74 20.78
C PHE B 393 -19.82 -19.46 21.10
N LEU B 394 -20.28 -18.26 20.75
CA LEU B 394 -21.67 -17.89 20.93
C LEU B 394 -22.52 -18.63 19.93
N LYS B 395 -23.72 -19.03 20.34
CA LYS B 395 -24.64 -19.71 19.44
C LYS B 395 -25.53 -18.70 18.74
#